data_1CAX
#
_entry.id   1CAX
#
_cell.length_a   136.500
_cell.length_b   150.300
_cell.length_c   133.400
_cell.angle_alpha   90.00
_cell.angle_beta   90.00
_cell.angle_gamma   90.00
#
_symmetry.space_group_name_H-M   'C 2 2 21'
#
loop_
_entity.id
_entity.type
_entity.pdbx_description
1 polymer CANAVALIN
2 polymer CANAVALIN
#
loop_
_entity_poly.entity_id
_entity_poly.type
_entity_poly.pdbx_seq_one_letter_code
_entity_poly.pdbx_strand_id
1 'polypeptide(L)'
;AQNNPYLFRSNKFLTLFKNQHGSLRLLQRFNEDTEKLENLRDYRVLEYCSKPNTLLLPHHSDSDLLVLVLEGQAILVLVN
PDGRDTYKLDQGDAIKIQAGTPFYLINPDNNQNLRILKFAITFRRPGTVEDFFLSSTKRLPSYLSAFSKNFLEASYDSPY
DEIEQTLLQEEQEGVIVKMPK
;
A,C,E
2 'polypeptide(L)'
;TLSSQDKPFNLRSRDPIYSNNYGKLYEITPEKNSQLRDLDILLNCLQMNEGALFVPHYNSRATVILVANEGRAEVELVGL
EQQQQQGLESMQLRRYAATLSEGDIIVIPSSFPVALKAASDLNMVGIGVNAENNERNFLAGHKENVIRQIPRQVSDLTFP
GSGEEVEELLENQKESYFVDGQPR
;
B,D,F
#
# COMPACT_ATOMS: atom_id res chain seq x y z
N ALA A 1 -10.87 -27.40 -9.56
CA ALA A 1 -10.34 -26.71 -8.40
C ALA A 1 -10.75 -25.23 -8.36
N GLN A 2 -9.70 -24.29 -8.42
CA GLN A 2 -9.79 -22.78 -8.34
C GLN A 2 -10.82 -22.20 -7.39
N ASN A 3 -11.75 -23.09 -7.10
CA ASN A 3 -12.80 -23.01 -6.17
C ASN A 3 -12.47 -24.11 -5.15
N ASN A 4 -11.94 -23.62 -4.03
CA ASN A 4 -11.37 -24.36 -2.93
C ASN A 4 -11.84 -23.85 -1.50
N PRO A 5 -12.90 -24.47 -0.93
CA PRO A 5 -13.44 -24.12 0.40
C PRO A 5 -12.56 -24.16 1.70
N TYR A 6 -12.07 -22.93 2.10
CA TYR A 6 -11.34 -22.55 3.35
C TYR A 6 -9.86 -22.90 3.49
N LEU A 7 -9.16 -23.40 2.53
CA LEU A 7 -7.83 -23.85 2.92
C LEU A 7 -6.61 -23.03 2.61
N PHE A 8 -5.83 -23.03 3.66
CA PHE A 8 -4.57 -22.43 3.85
C PHE A 8 -3.55 -23.59 3.72
N ARG A 9 -4.03 -24.72 3.15
CA ARG A 9 -3.21 -25.92 2.91
C ARG A 9 -2.94 -26.08 1.43
N SER A 10 -1.65 -26.08 1.08
CA SER A 10 -1.21 -26.11 -0.29
C SER A 10 -0.25 -27.26 -0.52
N ASN A 11 -0.23 -27.76 -1.77
CA ASN A 11 0.67 -28.84 -2.18
C ASN A 11 1.13 -28.75 -3.63
N LYS A 12 0.23 -28.15 -4.50
CA LYS A 12 0.32 -28.04 -5.99
C LYS A 12 0.95 -26.86 -6.76
N PHE A 13 2.06 -27.19 -7.39
CA PHE A 13 2.84 -26.29 -8.15
C PHE A 13 2.48 -26.43 -9.64
N LEU A 14 3.37 -25.91 -10.47
CA LEU A 14 3.20 -25.99 -11.87
C LEU A 14 4.54 -26.25 -12.46
N THR A 15 4.72 -27.30 -13.24
CA THR A 15 6.03 -27.40 -13.77
C THR A 15 6.31 -26.18 -14.67
N LEU A 16 7.52 -25.65 -14.54
CA LEU A 16 7.92 -24.48 -15.29
C LEU A 16 9.02 -24.95 -16.20
N PHE A 17 9.59 -26.05 -15.80
CA PHE A 17 10.66 -26.60 -16.56
C PHE A 17 11.25 -27.81 -15.94
N LYS A 18 11.24 -28.91 -16.65
CA LYS A 18 11.95 -30.07 -16.15
C LYS A 18 12.81 -30.73 -17.21
N ASN A 19 14.03 -31.06 -16.80
CA ASN A 19 15.05 -31.68 -17.61
C ASN A 19 15.91 -32.44 -16.63
N GLN A 20 16.54 -33.59 -16.97
CA GLN A 20 17.27 -34.30 -15.89
C GLN A 20 18.50 -33.64 -15.48
N HIS A 21 18.30 -32.49 -14.99
CA HIS A 21 19.29 -31.65 -14.44
C HIS A 21 18.59 -30.95 -13.34
N GLY A 22 17.35 -30.62 -13.66
CA GLY A 22 16.50 -30.02 -12.69
C GLY A 22 15.20 -29.57 -13.25
N SER A 23 14.46 -28.94 -12.36
CA SER A 23 13.20 -28.36 -12.63
C SER A 23 13.11 -27.10 -11.82
N LEU A 24 12.09 -26.30 -12.15
CA LEU A 24 11.65 -25.08 -11.52
C LEU A 24 10.22 -25.32 -11.31
N ARG A 25 9.69 -24.94 -10.24
CA ARG A 25 8.28 -25.09 -10.20
C ARG A 25 7.75 -23.94 -9.47
N LEU A 26 6.63 -23.41 -9.95
CA LEU A 26 6.07 -22.23 -9.40
C LEU A 26 4.70 -22.43 -8.85
N LEU A 27 4.62 -22.16 -7.55
CA LEU A 27 3.41 -22.27 -6.80
C LEU A 27 2.27 -21.44 -7.33
N GLN A 28 1.06 -21.75 -6.86
CA GLN A 28 -0.12 -21.04 -7.33
C GLN A 28 -0.56 -19.83 -6.46
N ARG A 29 -1.25 -18.85 -7.08
CA ARG A 29 -1.68 -17.72 -6.32
C ARG A 29 -2.40 -18.19 -5.12
N PHE A 30 -1.81 -17.85 -3.98
CA PHE A 30 -2.32 -18.19 -2.66
C PHE A 30 -3.82 -17.86 -2.60
N ASN A 31 -4.25 -16.96 -3.50
CA ASN A 31 -5.64 -16.43 -3.59
C ASN A 31 -6.45 -16.88 -4.79
N GLU A 32 -6.03 -17.93 -5.49
CA GLU A 32 -6.79 -18.32 -6.65
C GLU A 32 -8.04 -19.08 -6.36
N ASP A 33 -8.29 -19.33 -5.09
CA ASP A 33 -9.33 -20.24 -4.69
C ASP A 33 -9.93 -20.01 -3.36
N THR A 34 -9.25 -19.22 -2.64
CA THR A 34 -9.58 -18.87 -1.31
C THR A 34 -9.77 -17.41 -1.31
N GLU A 35 -10.31 -16.89 -0.26
CA GLU A 35 -10.43 -15.47 -0.27
C GLU A 35 -9.74 -14.96 0.92
N LYS A 36 -9.48 -15.86 1.85
CA LYS A 36 -8.80 -15.50 3.08
C LYS A 36 -7.33 -15.02 2.94
N LEU A 37 -6.59 -15.67 2.03
CA LEU A 37 -5.18 -15.42 1.83
C LEU A 37 -4.90 -14.15 1.04
N GLU A 38 -5.91 -13.28 0.99
CA GLU A 38 -5.94 -12.01 0.26
C GLU A 38 -4.72 -11.04 0.35
N ASN A 39 -3.98 -11.12 1.45
CA ASN A 39 -2.84 -10.25 1.77
C ASN A 39 -1.56 -10.85 1.29
N LEU A 40 -1.69 -11.99 0.66
CA LEU A 40 -0.59 -12.76 0.16
C LEU A 40 -0.47 -12.65 -1.35
N ARG A 41 -1.28 -11.75 -1.94
CA ARG A 41 -1.36 -11.53 -3.39
C ARG A 41 -0.14 -11.40 -4.27
N ASP A 42 0.91 -10.72 -3.77
CA ASP A 42 2.14 -10.40 -4.48
C ASP A 42 3.36 -11.26 -4.20
N TYR A 43 3.14 -12.45 -3.63
CA TYR A 43 4.24 -13.37 -3.33
C TYR A 43 4.02 -14.73 -4.03
N ARG A 44 5.07 -15.36 -4.37
CA ARG A 44 4.93 -16.63 -4.98
C ARG A 44 6.08 -17.45 -4.52
N VAL A 45 5.83 -18.73 -4.23
CA VAL A 45 6.86 -19.63 -3.79
C VAL A 45 7.29 -20.45 -4.94
N LEU A 46 8.58 -20.43 -5.22
CA LEU A 46 9.12 -21.16 -6.36
C LEU A 46 10.02 -22.24 -5.81
N GLU A 47 9.93 -23.45 -6.34
CA GLU A 47 10.77 -24.56 -5.88
C GLU A 47 11.73 -24.93 -6.98
N TYR A 48 13.01 -24.77 -6.68
CA TYR A 48 14.05 -25.03 -7.66
C TYR A 48 14.98 -26.12 -7.22
N CYS A 49 15.19 -27.04 -8.15
CA CYS A 49 16.08 -28.19 -7.92
C CYS A 49 17.11 -28.48 -9.06
N SER A 50 18.32 -28.89 -8.67
CA SER A 50 19.33 -29.20 -9.67
C SER A 50 20.27 -30.29 -9.21
N LYS A 51 20.62 -31.15 -10.19
CA LYS A 51 21.53 -32.28 -10.03
C LYS A 51 23.00 -31.84 -10.22
N PRO A 52 23.86 -32.21 -9.25
CA PRO A 52 25.29 -31.91 -9.14
C PRO A 52 25.93 -31.60 -10.48
N ASN A 53 26.86 -30.64 -10.43
CA ASN A 53 27.49 -30.11 -11.63
C ASN A 53 26.41 -29.52 -12.49
N THR A 54 25.81 -28.31 -12.16
CA THR A 54 24.75 -27.67 -13.00
C THR A 54 24.65 -26.12 -13.12
N LEU A 55 23.97 -25.70 -14.18
CA LEU A 55 23.84 -24.30 -14.48
C LEU A 55 22.43 -23.89 -14.79
N LEU A 56 21.97 -22.91 -14.07
CA LEU A 56 20.69 -22.31 -14.37
C LEU A 56 21.03 -20.99 -15.07
N LEU A 57 21.14 -21.04 -16.40
CA LEU A 57 21.54 -19.88 -17.21
C LEU A 57 20.98 -18.53 -16.80
N PRO A 58 21.89 -17.55 -16.85
CA PRO A 58 21.68 -16.16 -16.51
C PRO A 58 20.42 -15.59 -17.07
N HIS A 59 19.63 -15.04 -16.21
CA HIS A 59 18.40 -14.44 -16.59
C HIS A 59 18.11 -13.40 -15.56
N HIS A 60 17.35 -12.42 -15.89
CA HIS A 60 17.02 -11.47 -14.90
C HIS A 60 15.62 -11.81 -14.46
N SER A 61 15.12 -11.12 -13.45
CA SER A 61 13.77 -11.35 -12.97
C SER A 61 13.01 -10.06 -12.71
N ASP A 62 11.79 -10.22 -12.93
CA ASP A 62 10.81 -9.23 -12.70
C ASP A 62 10.92 -8.65 -11.28
N SER A 63 10.53 -9.49 -10.35
CA SER A 63 10.43 -9.16 -8.95
C SER A 63 11.65 -9.30 -8.08
N ASP A 64 11.46 -9.00 -6.79
CA ASP A 64 12.48 -9.15 -5.76
C ASP A 64 12.40 -10.57 -5.34
N LEU A 65 13.58 -11.17 -5.19
CA LEU A 65 13.72 -12.58 -4.83
C LEU A 65 14.41 -12.78 -3.52
N LEU A 66 13.79 -13.52 -2.66
CA LEU A 66 14.43 -13.88 -1.44
C LEU A 66 14.81 -15.35 -1.64
N VAL A 67 16.08 -15.68 -1.62
CA VAL A 67 16.46 -17.07 -1.85
C VAL A 67 17.03 -17.79 -0.65
N LEU A 68 16.55 -19.01 -0.44
CA LEU A 68 17.14 -19.82 0.59
C LEU A 68 17.58 -21.17 0.04
N VAL A 69 18.60 -21.75 0.72
CA VAL A 69 19.18 -23.07 0.45
C VAL A 69 18.63 -24.06 1.47
N LEU A 70 17.58 -24.81 1.05
CA LEU A 70 16.93 -25.84 1.87
C LEU A 70 17.58 -27.17 1.75
N GLU A 71 18.65 -27.22 1.02
CA GLU A 71 19.30 -28.45 0.72
C GLU A 71 20.34 -28.17 -0.32
N GLY A 72 21.59 -28.30 0.09
CA GLY A 72 22.66 -28.17 -0.86
C GLY A 72 23.74 -27.19 -0.60
N GLN A 73 24.31 -26.84 -1.70
CA GLN A 73 25.33 -25.88 -1.81
C GLN A 73 25.33 -25.27 -3.22
N ALA A 74 25.67 -24.00 -3.34
CA ALA A 74 25.60 -23.45 -4.66
C ALA A 74 26.46 -22.24 -4.83
N ILE A 75 26.57 -21.81 -6.04
CA ILE A 75 27.33 -20.63 -6.24
C ILE A 75 26.45 -19.52 -6.82
N LEU A 76 26.32 -18.45 -6.09
CA LEU A 76 25.53 -17.38 -6.60
C LEU A 76 26.41 -16.40 -7.32
N VAL A 77 26.32 -16.30 -8.61
CA VAL A 77 27.06 -15.23 -9.20
C VAL A 77 26.03 -14.19 -9.43
N LEU A 78 26.31 -12.96 -9.03
CA LEU A 78 25.33 -11.90 -9.24
C LEU A 78 25.93 -10.93 -10.14
N VAL A 79 25.45 -10.94 -11.42
CA VAL A 79 25.86 -10.10 -12.54
C VAL A 79 25.35 -8.66 -12.43
N ASN A 80 26.26 -7.82 -12.05
CA ASN A 80 26.08 -6.41 -11.87
C ASN A 80 26.37 -5.68 -13.19
N PRO A 81 26.14 -4.37 -13.26
CA PRO A 81 26.28 -3.65 -14.49
C PRO A 81 27.71 -3.37 -14.82
N ASP A 82 28.63 -3.85 -13.96
CA ASP A 82 30.09 -3.57 -14.14
C ASP A 82 30.95 -4.38 -13.21
N GLY A 83 30.48 -5.57 -12.96
CA GLY A 83 31.13 -6.46 -12.09
C GLY A 83 30.28 -7.68 -11.95
N ARG A 84 30.77 -8.52 -11.07
CA ARG A 84 30.17 -9.75 -10.68
C ARG A 84 30.42 -9.74 -9.22
N ASP A 85 29.52 -10.39 -8.49
CA ASP A 85 29.69 -10.63 -7.10
C ASP A 85 29.35 -12.05 -6.91
N THR A 86 30.36 -12.91 -6.82
CA THR A 86 30.12 -14.34 -6.64
C THR A 86 29.92 -14.63 -5.16
N TYR A 87 29.21 -15.68 -4.84
CA TYR A 87 29.05 -15.98 -3.43
C TYR A 87 28.91 -17.44 -3.23
N LYS A 88 29.67 -18.02 -2.29
CA LYS A 88 29.40 -19.42 -1.99
C LYS A 88 28.27 -19.40 -0.97
N LEU A 89 27.22 -20.23 -1.26
CA LEU A 89 25.97 -20.32 -0.50
C LEU A 89 25.81 -21.71 0.07
N ASP A 90 26.23 -21.89 1.32
CA ASP A 90 26.11 -23.16 1.98
C ASP A 90 24.70 -23.31 2.30
N GLN A 91 24.27 -24.48 2.76
CA GLN A 91 22.88 -24.68 3.03
C GLN A 91 22.45 -23.99 4.27
N GLY A 92 21.18 -23.54 4.26
CA GLY A 92 20.60 -22.83 5.40
C GLY A 92 20.61 -21.32 5.21
N ASP A 93 21.47 -20.95 4.28
CA ASP A 93 21.74 -19.62 3.82
C ASP A 93 20.58 -19.03 3.08
N ALA A 94 20.54 -17.71 3.03
CA ALA A 94 19.59 -17.03 2.22
C ALA A 94 20.14 -15.70 1.81
N ILE A 95 19.57 -15.14 0.80
CA ILE A 95 20.07 -13.89 0.28
C ILE A 95 18.99 -13.24 -0.55
N LYS A 96 18.85 -11.93 -0.43
CA LYS A 96 17.89 -11.17 -1.22
C LYS A 96 18.44 -10.77 -2.58
N ILE A 97 17.99 -11.39 -3.61
CA ILE A 97 18.45 -11.03 -4.94
C ILE A 97 17.53 -9.94 -5.47
N GLN A 98 18.02 -8.71 -5.64
CA GLN A 98 17.13 -7.62 -6.13
C GLN A 98 16.57 -7.87 -7.55
N ALA A 99 15.49 -7.15 -7.93
CA ALA A 99 14.89 -7.36 -9.23
C ALA A 99 15.67 -6.73 -10.36
N GLY A 100 15.61 -7.32 -11.55
CA GLY A 100 16.36 -6.77 -12.67
C GLY A 100 17.86 -6.83 -12.45
N THR A 101 18.25 -7.94 -11.89
CA THR A 101 19.60 -8.32 -11.60
C THR A 101 19.77 -9.65 -12.23
N PRO A 102 20.70 -9.79 -13.16
CA PRO A 102 20.86 -11.07 -13.83
C PRO A 102 21.69 -11.96 -12.91
N PHE A 103 21.22 -13.19 -12.67
CA PHE A 103 21.90 -14.10 -11.75
C PHE A 103 22.09 -15.49 -12.36
N TYR A 104 23.04 -16.24 -11.80
CA TYR A 104 23.26 -17.61 -12.24
C TYR A 104 23.68 -18.58 -11.13
N LEU A 105 22.96 -19.70 -11.09
CA LEU A 105 23.11 -20.72 -10.07
C LEU A 105 23.97 -21.93 -10.51
N ILE A 106 25.15 -22.05 -9.95
CA ILE A 106 25.97 -23.20 -10.18
C ILE A 106 25.64 -24.23 -9.13
N ASN A 107 25.58 -25.44 -9.56
CA ASN A 107 25.50 -26.53 -8.66
C ASN A 107 26.85 -27.21 -8.75
N PRO A 108 27.66 -27.11 -7.70
CA PRO A 108 29.00 -27.67 -7.72
C PRO A 108 29.07 -29.17 -7.62
N ASP A 109 29.98 -29.70 -8.38
CA ASP A 109 30.27 -31.12 -8.41
C ASP A 109 29.93 -31.86 -7.12
N ASN A 110 29.84 -33.17 -7.25
CA ASN A 110 29.60 -34.07 -6.15
C ASN A 110 28.65 -35.16 -6.42
N ASN A 111 27.97 -35.37 -5.29
CA ASN A 111 27.02 -36.35 -4.98
C ASN A 111 25.64 -35.75 -4.75
N GLN A 112 25.43 -34.89 -3.70
CA GLN A 112 24.09 -34.25 -3.43
C GLN A 112 23.70 -32.98 -4.15
N ASN A 113 22.42 -32.97 -4.60
CA ASN A 113 21.81 -31.92 -5.37
C ASN A 113 21.68 -30.61 -4.67
N LEU A 114 20.66 -29.89 -5.11
CA LEU A 114 20.37 -28.60 -4.62
C LEU A 114 18.88 -28.38 -4.62
N ARG A 115 18.41 -27.78 -3.55
CA ARG A 115 17.04 -27.48 -3.41
C ARG A 115 17.04 -26.14 -2.81
N ILE A 116 16.42 -25.22 -3.56
CA ILE A 116 16.28 -23.80 -3.25
C ILE A 116 14.82 -23.41 -3.22
N LEU A 117 14.42 -22.65 -2.18
CA LEU A 117 13.07 -22.10 -2.08
C LEU A 117 13.20 -20.73 -2.68
N LYS A 118 12.25 -20.30 -3.55
CA LYS A 118 12.33 -18.95 -4.20
C LYS A 118 11.10 -18.05 -3.97
N PHE A 119 11.04 -17.41 -2.80
CA PHE A 119 9.91 -16.54 -2.43
C PHE A 119 10.05 -15.25 -3.16
N ALA A 120 9.01 -14.87 -3.90
CA ALA A 120 9.08 -13.67 -4.66
C ALA A 120 8.26 -12.50 -4.13
N ILE A 121 8.83 -11.31 -4.27
CA ILE A 121 8.15 -10.16 -3.82
C ILE A 121 7.90 -9.35 -5.04
N THR A 122 6.69 -9.48 -5.56
CA THR A 122 6.37 -8.83 -6.83
C THR A 122 5.77 -7.49 -6.74
N PHE A 123 6.28 -6.59 -7.58
CA PHE A 123 5.78 -5.24 -7.64
C PHE A 123 4.94 -4.82 -8.90
N ARG A 124 5.47 -5.10 -10.13
CA ARG A 124 4.96 -4.78 -11.50
C ARG A 124 3.53 -5.20 -11.85
N ARG A 125 3.27 -6.51 -11.92
CA ARG A 125 1.93 -7.12 -12.13
C ARG A 125 1.79 -7.92 -10.88
N PRO A 126 1.35 -7.30 -9.81
CA PRO A 126 1.34 -7.93 -8.51
C PRO A 126 0.89 -9.34 -8.58
N GLY A 127 1.76 -10.26 -8.21
CA GLY A 127 1.41 -11.69 -8.27
C GLY A 127 1.72 -12.34 -9.62
N THR A 128 2.56 -11.75 -10.39
CA THR A 128 2.89 -12.30 -11.63
C THR A 128 4.34 -12.11 -11.82
N VAL A 129 5.07 -13.20 -11.76
CA VAL A 129 6.46 -13.05 -11.96
C VAL A 129 6.82 -13.29 -13.43
N GLU A 130 8.01 -12.97 -13.81
CA GLU A 130 8.41 -13.13 -15.15
C GLU A 130 9.85 -13.32 -15.06
N ASP A 131 10.40 -14.11 -16.01
CA ASP A 131 11.79 -14.39 -16.09
C ASP A 131 12.40 -14.02 -17.45
N PHE A 132 13.50 -13.29 -17.44
CA PHE A 132 14.13 -12.88 -18.67
C PHE A 132 15.40 -13.65 -19.04
N PHE A 133 15.19 -14.78 -19.67
CA PHE A 133 16.34 -15.51 -20.09
C PHE A 133 17.00 -14.87 -21.35
N LEU A 134 18.34 -14.94 -21.40
CA LEU A 134 19.25 -14.39 -22.44
C LEU A 134 19.64 -15.50 -23.50
N SER A 135 19.62 -16.77 -23.05
CA SER A 135 19.91 -17.96 -23.86
C SER A 135 18.70 -18.56 -24.57
N SER A 136 18.70 -18.54 -25.92
CA SER A 136 17.61 -19.12 -26.74
C SER A 136 17.26 -20.58 -26.42
N THR A 137 15.99 -20.94 -26.57
CA THR A 137 15.54 -22.31 -26.31
C THR A 137 14.26 -22.69 -27.02
N LYS A 138 14.03 -23.99 -27.00
CA LYS A 138 12.89 -24.60 -27.64
C LYS A 138 11.53 -24.10 -27.12
N ARG A 139 11.58 -23.23 -26.10
CA ARG A 139 10.38 -22.64 -25.50
C ARG A 139 10.31 -21.20 -25.96
N LEU A 140 11.22 -20.40 -25.36
CA LEU A 140 11.39 -18.97 -25.59
C LEU A 140 12.82 -18.66 -26.08
N PRO A 141 12.84 -17.92 -27.19
CA PRO A 141 14.05 -17.47 -27.79
C PRO A 141 14.61 -16.37 -26.97
N SER A 142 15.83 -15.98 -27.25
CA SER A 142 16.40 -14.93 -26.46
C SER A 142 15.58 -13.66 -26.52
N TYR A 143 15.44 -12.98 -25.37
CA TYR A 143 14.73 -11.75 -25.36
C TYR A 143 15.40 -10.81 -26.36
N LEU A 144 16.74 -10.82 -26.32
CA LEU A 144 17.61 -10.08 -27.20
C LEU A 144 17.19 -10.18 -28.64
N SER A 145 16.30 -11.09 -28.94
CA SER A 145 15.91 -11.22 -30.31
C SER A 145 14.53 -10.69 -30.65
N ALA A 146 13.74 -10.25 -29.74
CA ALA A 146 12.53 -9.78 -30.30
C ALA A 146 12.72 -8.40 -30.96
N PHE A 147 13.99 -7.86 -30.83
CA PHE A 147 14.44 -6.56 -31.44
C PHE A 147 14.44 -6.60 -32.94
N SER A 148 15.09 -5.65 -33.57
CA SER A 148 15.09 -5.64 -35.01
C SER A 148 16.48 -5.61 -35.65
N LYS A 149 16.58 -6.06 -36.92
CA LYS A 149 17.89 -6.04 -37.66
C LYS A 149 18.65 -4.72 -37.40
N ASN A 150 18.09 -3.63 -37.95
CA ASN A 150 18.62 -2.27 -37.81
C ASN A 150 18.83 -1.88 -36.41
N PHE A 151 18.21 -2.60 -35.46
CA PHE A 151 18.38 -2.31 -34.06
C PHE A 151 19.54 -3.19 -33.54
N LEU A 152 19.42 -4.48 -33.73
CA LEU A 152 20.50 -5.33 -33.27
C LEU A 152 21.81 -4.87 -33.88
N GLU A 153 21.68 -4.36 -35.16
CA GLU A 153 22.80 -3.83 -35.99
C GLU A 153 23.81 -2.85 -35.37
N ALA A 154 23.40 -1.64 -34.96
CA ALA A 154 24.38 -0.78 -34.30
C ALA A 154 24.34 -1.09 -32.82
N SER A 155 23.27 -1.76 -32.44
CA SER A 155 23.26 -2.06 -31.09
C SER A 155 24.49 -2.89 -30.83
N TYR A 156 24.84 -3.68 -31.82
CA TYR A 156 26.11 -4.39 -31.73
C TYR A 156 27.21 -3.94 -32.72
N ASP A 157 26.89 -3.04 -33.69
CA ASP A 157 27.86 -2.57 -34.73
C ASP A 157 28.58 -3.79 -35.30
N SER A 158 27.72 -4.73 -35.77
CA SER A 158 28.02 -6.04 -36.35
C SER A 158 27.03 -6.30 -37.44
N PRO A 159 27.15 -7.45 -38.07
CA PRO A 159 26.26 -7.82 -39.13
C PRO A 159 25.38 -9.02 -38.74
N TYR A 160 24.11 -8.86 -39.03
CA TYR A 160 23.07 -9.79 -38.67
C TYR A 160 23.35 -11.29 -38.76
N ASP A 161 23.76 -11.76 -39.96
CA ASP A 161 23.99 -13.19 -40.14
C ASP A 161 25.27 -13.58 -39.49
N GLU A 162 25.33 -13.33 -38.16
CA GLU A 162 26.52 -13.56 -37.36
C GLU A 162 26.24 -13.19 -35.91
N ILE A 163 25.51 -12.08 -35.74
CA ILE A 163 25.06 -11.73 -34.42
C ILE A 163 24.12 -12.88 -34.17
N GLU A 164 23.19 -13.00 -35.09
CA GLU A 164 22.23 -14.07 -35.08
C GLU A 164 22.91 -15.35 -34.68
N GLN A 165 24.02 -15.54 -35.37
CA GLN A 165 24.89 -16.67 -35.15
C GLN A 165 25.78 -16.53 -33.88
N THR A 166 25.43 -15.57 -33.10
CA THR A 166 26.01 -15.31 -31.78
C THR A 166 24.93 -14.94 -30.66
N LEU A 167 23.68 -15.22 -31.04
CA LEU A 167 22.56 -15.02 -30.21
C LEU A 167 21.54 -16.17 -30.32
N LEU A 168 21.24 -16.62 -31.60
CA LEU A 168 20.17 -17.60 -31.79
C LEU A 168 20.67 -18.99 -31.99
N GLN A 169 20.19 -19.85 -31.13
CA GLN A 169 20.69 -21.15 -31.03
C GLN A 169 19.69 -22.17 -30.67
N GLU A 170 20.25 -23.25 -30.23
CA GLU A 170 19.56 -24.33 -29.60
C GLU A 170 20.25 -24.76 -28.32
N GLU A 171 19.42 -24.88 -27.33
CA GLU A 171 19.78 -25.33 -26.05
C GLU A 171 18.72 -26.34 -25.68
N GLN A 172 19.08 -27.58 -25.92
CA GLN A 172 18.17 -28.64 -25.61
C GLN A 172 18.06 -28.59 -24.12
N GLU A 173 19.25 -28.80 -23.47
CA GLU A 173 19.43 -28.74 -22.02
C GLU A 173 19.25 -27.27 -21.57
N GLY A 174 18.27 -26.63 -22.26
CA GLY A 174 17.83 -25.24 -22.15
C GLY A 174 18.12 -24.50 -20.85
N VAL A 175 17.03 -24.10 -20.17
CA VAL A 175 17.15 -23.34 -18.98
C VAL A 175 18.22 -23.93 -18.10
N ILE A 176 17.96 -25.09 -17.46
CA ILE A 176 18.98 -25.82 -16.66
C ILE A 176 19.85 -26.71 -17.56
N VAL A 177 21.12 -26.34 -17.62
CA VAL A 177 22.11 -27.00 -18.43
C VAL A 177 23.18 -27.65 -17.54
N LYS A 178 24.18 -28.30 -18.20
CA LYS A 178 25.32 -29.01 -17.58
C LYS A 178 26.68 -28.40 -18.03
N MET A 179 27.36 -27.58 -17.20
CA MET A 179 28.67 -26.90 -17.54
C MET A 179 29.57 -27.56 -18.62
N PRO A 180 30.92 -27.65 -18.37
CA PRO A 180 31.81 -28.47 -19.19
C PRO A 180 31.68 -29.73 -18.38
N LYS A 181 31.09 -29.37 -17.25
CA LYS A 181 30.71 -30.13 -16.13
C LYS A 181 29.34 -29.58 -15.76
N THR B 1 33.48 -15.16 1.69
CA THR B 1 33.88 -15.78 0.44
C THR B 1 34.58 -14.74 -0.44
N LEU B 2 34.87 -13.58 0.14
CA LEU B 2 35.51 -12.52 -0.63
C LEU B 2 36.26 -11.50 0.20
N SER B 3 37.54 -11.23 -0.18
CA SER B 3 38.34 -10.24 0.54
C SER B 3 37.50 -8.98 0.52
N SER B 4 37.60 -8.26 -0.61
CA SER B 4 36.77 -7.10 -0.71
C SER B 4 35.37 -7.68 -0.78
N GLN B 5 34.49 -7.22 0.20
CA GLN B 5 33.24 -7.90 0.38
C GLN B 5 32.01 -7.30 1.13
N ASP B 6 31.79 -5.99 1.31
CA ASP B 6 30.65 -5.65 2.20
C ASP B 6 29.24 -5.20 1.75
N LYS B 7 28.38 -6.08 1.31
CA LYS B 7 27.07 -5.61 0.92
C LYS B 7 26.14 -5.89 2.06
N PRO B 8 24.99 -6.41 1.62
CA PRO B 8 24.02 -7.17 2.32
C PRO B 8 24.35 -8.46 1.56
N PHE B 9 24.93 -9.34 2.27
CA PHE B 9 25.47 -10.54 1.83
C PHE B 9 24.52 -11.67 2.32
N ASN B 10 24.96 -12.86 2.72
CA ASN B 10 23.91 -13.81 3.13
C ASN B 10 23.99 -14.20 4.55
N LEU B 11 22.84 -14.60 5.14
CA LEU B 11 22.65 -14.95 6.56
C LEU B 11 22.35 -16.47 6.76
N ARG B 12 21.81 -16.92 7.92
CA ARG B 12 21.55 -18.37 8.02
C ARG B 12 20.61 -18.85 9.15
N SER B 13 21.25 -19.13 10.28
CA SER B 13 20.66 -19.59 11.53
C SER B 13 21.62 -19.60 12.71
N ARG B 14 21.54 -18.44 13.41
CA ARG B 14 22.36 -17.99 14.54
C ARG B 14 21.66 -17.67 15.90
N ASP B 15 21.72 -18.66 16.83
CA ASP B 15 21.21 -18.57 18.17
C ASP B 15 19.69 -18.74 18.27
N PRO B 16 19.29 -19.93 18.67
CA PRO B 16 17.90 -20.33 18.77
C PRO B 16 17.05 -19.43 19.70
N ILE B 17 15.76 -19.38 19.51
CA ILE B 17 14.92 -18.59 20.39
C ILE B 17 14.20 -19.49 21.34
N TYR B 18 14.05 -20.71 20.90
CA TYR B 18 13.54 -21.78 21.67
C TYR B 18 14.22 -23.07 21.36
N SER B 19 14.85 -23.54 22.48
CA SER B 19 15.57 -24.80 22.61
C SER B 19 15.30 -25.37 23.95
N ASN B 20 14.99 -26.61 23.89
CA ASN B 20 14.70 -27.55 24.92
C ASN B 20 14.91 -28.90 24.18
N ASN B 21 14.70 -30.08 24.75
CA ASN B 21 15.05 -31.23 23.90
C ASN B 21 14.03 -31.74 23.02
N TYR B 22 12.96 -31.00 22.87
CA TYR B 22 11.92 -31.41 21.99
C TYR B 22 11.98 -30.65 20.71
N GLY B 23 12.79 -29.61 20.68
CA GLY B 23 12.85 -28.83 19.50
C GLY B 23 13.62 -27.54 19.66
N LYS B 24 13.66 -26.82 18.52
CA LYS B 24 14.38 -25.61 18.37
C LYS B 24 13.68 -24.67 17.42
N LEU B 25 13.78 -23.39 17.68
CA LEU B 25 13.26 -22.44 16.73
C LEU B 25 14.13 -21.24 16.69
N TYR B 26 14.49 -20.88 15.47
CA TYR B 26 15.37 -19.79 15.11
C TYR B 26 14.63 -18.74 14.38
N GLU B 27 14.92 -17.53 14.76
CA GLU B 27 14.30 -16.43 14.09
C GLU B 27 15.26 -15.37 13.62
N ILE B 28 14.82 -14.68 12.59
CA ILE B 28 15.52 -13.58 12.00
C ILE B 28 14.50 -12.59 11.58
N THR B 29 14.15 -11.64 12.53
CA THR B 29 13.16 -10.56 12.38
C THR B 29 13.69 -9.37 11.60
N PRO B 30 12.78 -8.48 11.08
CA PRO B 30 13.15 -7.28 10.29
C PRO B 30 14.05 -6.29 11.04
N GLU B 31 13.90 -6.37 12.38
CA GLU B 31 14.54 -5.60 13.44
C GLU B 31 16.04 -5.79 13.55
N LYS B 32 16.54 -6.86 13.05
CA LYS B 32 17.95 -7.08 13.17
C LYS B 32 18.58 -7.41 11.86
N ASN B 33 17.77 -7.62 10.82
CA ASN B 33 18.33 -7.92 9.51
C ASN B 33 17.99 -6.80 8.56
N SER B 34 18.92 -6.43 7.67
CA SER B 34 18.70 -5.31 6.73
C SER B 34 17.78 -5.59 5.56
N GLN B 35 18.06 -6.66 4.82
CA GLN B 35 17.30 -7.09 3.63
C GLN B 35 15.95 -7.65 3.95
N LEU B 36 15.86 -8.17 5.14
CA LEU B 36 14.66 -8.75 5.65
C LEU B 36 13.71 -7.64 6.02
N ARG B 37 14.30 -6.54 6.55
CA ARG B 37 13.57 -5.36 6.94
C ARG B 37 12.85 -4.68 5.73
N ASP B 38 13.55 -4.52 4.56
CA ASP B 38 12.93 -3.93 3.39
C ASP B 38 12.05 -4.94 2.65
N LEU B 39 11.62 -5.87 3.38
CA LEU B 39 10.77 -6.84 2.84
C LEU B 39 9.66 -6.97 3.87
N ASP B 40 10.03 -6.59 5.10
CA ASP B 40 9.21 -6.72 6.27
C ASP B 40 8.77 -8.12 6.42
N ILE B 41 9.77 -9.03 6.38
CA ILE B 41 9.63 -10.48 6.43
C ILE B 41 10.58 -11.08 7.41
N LEU B 42 10.15 -12.12 8.15
CA LEU B 42 11.03 -12.86 9.10
C LEU B 42 11.28 -14.31 8.58
N LEU B 43 12.36 -14.96 8.99
CA LEU B 43 12.48 -16.35 8.58
C LEU B 43 12.60 -17.26 9.83
N ASN B 44 12.18 -18.52 9.74
CA ASN B 44 12.18 -19.50 10.86
C ASN B 44 12.77 -20.87 10.47
N CYS B 45 13.48 -21.50 11.40
CA CYS B 45 14.01 -22.82 11.15
C CYS B 45 13.61 -23.71 12.25
N LEU B 46 12.68 -24.57 11.96
CA LEU B 46 12.14 -25.45 12.96
C LEU B 46 12.87 -26.71 12.94
N GLN B 47 13.46 -27.01 14.06
CA GLN B 47 14.15 -28.23 14.27
C GLN B 47 13.33 -28.94 15.40
N MET B 48 12.58 -30.03 15.07
CA MET B 48 11.75 -30.74 16.07
C MET B 48 11.99 -32.24 16.10
N ASN B 49 12.13 -32.83 17.28
CA ASN B 49 12.37 -34.26 17.37
C ASN B 49 11.11 -35.13 17.29
N GLU B 50 11.27 -36.34 16.75
CA GLU B 50 10.09 -37.17 16.63
C GLU B 50 9.51 -37.50 17.99
N GLY B 51 8.33 -36.92 18.20
CA GLY B 51 7.58 -37.01 19.40
C GLY B 51 7.21 -35.64 19.90
N ALA B 52 7.66 -34.61 19.20
CA ALA B 52 7.40 -33.27 19.71
C ALA B 52 6.07 -32.71 19.37
N LEU B 53 5.67 -31.79 20.27
CA LEU B 53 4.46 -31.04 20.12
C LEU B 53 4.76 -29.61 20.26
N PHE B 54 4.89 -28.91 19.14
CA PHE B 54 5.12 -27.49 19.19
C PHE B 54 3.75 -26.96 19.52
N VAL B 55 3.62 -26.60 20.81
CA VAL B 55 2.45 -26.13 21.48
C VAL B 55 1.55 -25.10 20.77
N PRO B 56 0.25 -25.16 21.07
CA PRO B 56 -0.67 -24.22 20.47
C PRO B 56 -0.25 -22.81 20.82
N HIS B 57 -0.67 -21.85 20.00
CA HIS B 57 -0.38 -20.43 20.24
C HIS B 57 -0.70 -19.63 19.00
N TYR B 58 -0.20 -18.40 18.95
CA TYR B 58 -0.39 -17.62 17.77
C TYR B 58 0.51 -16.40 17.64
N ASN B 59 0.61 -15.87 16.45
CA ASN B 59 1.44 -14.68 16.29
C ASN B 59 0.63 -13.41 16.29
N SER B 60 1.20 -12.41 16.88
CA SER B 60 0.56 -11.16 16.99
C SER B 60 0.30 -10.58 15.64
N ARG B 61 1.27 -10.58 14.75
CA ARG B 61 1.04 -9.96 13.44
C ARG B 61 1.62 -10.56 12.17
N ALA B 62 2.65 -11.42 12.24
CA ALA B 62 3.15 -11.94 10.98
C ALA B 62 2.38 -13.13 10.48
N THR B 63 2.29 -13.23 9.15
CA THR B 63 1.63 -14.32 8.47
C THR B 63 2.65 -15.32 7.93
N VAL B 64 2.62 -16.50 8.54
CA VAL B 64 3.61 -17.51 8.30
C VAL B 64 3.32 -18.61 7.33
N ILE B 65 4.04 -18.54 6.27
CA ILE B 65 4.10 -19.50 5.23
C ILE B 65 5.11 -20.56 5.74
N LEU B 66 4.58 -21.72 6.07
CA LEU B 66 5.34 -22.85 6.59
C LEU B 66 5.52 -23.86 5.46
N VAL B 67 6.75 -24.29 5.36
CA VAL B 67 7.22 -25.22 4.40
C VAL B 67 7.77 -26.37 5.16
N ALA B 68 7.61 -27.54 4.57
CA ALA B 68 8.10 -28.75 5.14
C ALA B 68 9.33 -29.11 4.43
N ASN B 69 10.44 -28.99 5.09
CA ASN B 69 11.72 -29.28 4.46
C ASN B 69 12.28 -30.71 4.68
N GLU B 70 12.03 -31.32 5.85
CA GLU B 70 12.50 -32.67 6.14
C GLU B 70 11.59 -33.43 7.13
N GLY B 71 10.95 -34.48 6.65
CA GLY B 71 10.10 -35.26 7.53
C GLY B 71 8.62 -34.96 7.33
N ARG B 72 7.79 -35.55 8.19
CA ARG B 72 6.33 -35.37 8.15
C ARG B 72 5.84 -34.53 9.34
N ALA B 73 4.70 -33.90 9.21
CA ALA B 73 4.17 -33.08 10.29
C ALA B 73 2.67 -33.04 10.28
N GLU B 74 2.09 -33.12 11.47
CA GLU B 74 0.65 -33.05 11.62
C GLU B 74 0.25 -31.74 12.26
N VAL B 75 -0.27 -30.81 11.49
CA VAL B 75 -0.65 -29.57 12.11
C VAL B 75 -2.13 -29.47 12.32
N GLU B 76 -2.49 -28.63 13.30
CA GLU B 76 -3.86 -28.33 13.67
C GLU B 76 -3.92 -26.81 13.66
N LEU B 77 -4.92 -26.24 13.05
CA LEU B 77 -4.99 -24.79 12.95
C LEU B 77 -6.44 -24.43 13.16
N VAL B 78 -6.67 -23.43 14.00
CA VAL B 78 -8.03 -23.03 14.33
C VAL B 78 -8.48 -21.68 13.82
N GLY B 79 -9.74 -21.54 13.42
CA GLY B 79 -10.08 -20.21 12.97
C GLY B 79 -11.53 -19.79 12.91
N LEU B 80 -11.78 -18.55 13.34
CA LEU B 80 -13.08 -17.98 13.17
C LEU B 80 -12.84 -17.55 11.79
N GLU B 81 -13.69 -17.79 10.86
CA GLU B 81 -13.03 -17.52 9.60
C GLU B 81 -13.37 -16.39 8.71
N GLN B 82 -14.61 -16.44 8.26
CA GLN B 82 -15.09 -15.52 7.28
C GLN B 82 -16.27 -14.76 7.85
N GLN B 83 -15.90 -13.49 8.28
CA GLN B 83 -16.79 -12.53 8.91
C GLN B 83 -17.96 -12.41 8.03
N GLN B 84 -17.61 -12.81 6.78
CA GLN B 84 -18.41 -13.14 5.68
C GLN B 84 -19.32 -14.33 6.12
N GLN B 85 -19.42 -14.47 7.44
CA GLN B 85 -20.28 -15.20 8.33
C GLN B 85 -20.64 -14.14 9.37
N GLN B 86 -21.17 -13.02 8.81
CA GLN B 86 -21.67 -11.87 9.56
C GLN B 86 -22.80 -12.39 10.48
N GLY B 87 -22.40 -13.35 11.39
CA GLY B 87 -23.33 -14.03 12.27
C GLY B 87 -22.93 -14.38 13.72
N LEU B 88 -21.74 -14.91 14.01
CA LEU B 88 -21.46 -15.31 15.44
C LEU B 88 -22.55 -16.39 15.81
N GLU B 89 -22.17 -17.59 16.16
CA GLU B 89 -23.28 -18.52 16.34
C GLU B 89 -23.81 -18.89 14.85
N SER B 90 -23.32 -18.06 13.88
CA SER B 90 -23.52 -18.07 12.43
C SER B 90 -22.17 -17.62 11.82
N MET B 91 -21.28 -17.52 12.80
CA MET B 91 -19.84 -17.37 12.80
C MET B 91 -19.41 -18.63 13.63
N GLN B 92 -18.69 -19.51 12.94
CA GLN B 92 -18.30 -20.84 13.34
C GLN B 92 -16.90 -21.06 13.78
N LEU B 93 -16.67 -22.20 14.43
CA LEU B 93 -15.30 -22.53 14.75
C LEU B 93 -14.85 -23.77 14.01
N ARG B 94 -13.93 -23.58 13.06
CA ARG B 94 -13.44 -24.68 12.27
C ARG B 94 -12.06 -25.02 12.70
N ARG B 95 -11.79 -26.33 12.65
CA ARG B 95 -10.47 -26.83 12.90
C ARG B 95 -10.03 -27.50 11.66
N TYR B 96 -8.86 -27.09 11.21
CA TYR B 96 -8.28 -27.66 10.06
C TYR B 96 -7.01 -28.32 10.47
N ALA B 97 -6.72 -29.44 9.87
CA ALA B 97 -5.51 -30.16 10.18
C ALA B 97 -4.90 -30.90 8.99
N ALA B 98 -3.58 -31.10 9.06
CA ALA B 98 -2.88 -31.83 8.04
C ALA B 98 -1.63 -32.57 8.54
N THR B 99 -1.36 -33.71 7.90
CA THR B 99 -0.20 -34.51 8.22
C THR B 99 0.73 -34.22 7.08
N LEU B 100 1.25 -33.02 7.07
CA LEU B 100 2.07 -32.64 5.97
C LEU B 100 3.43 -33.21 5.92
N SER B 101 3.89 -33.41 4.67
CA SER B 101 5.21 -33.93 4.31
C SER B 101 5.94 -32.99 3.39
N GLU B 102 7.06 -33.48 2.91
CA GLU B 102 7.97 -32.71 2.14
C GLU B 102 7.41 -31.97 0.99
N GLY B 103 7.84 -30.71 0.86
CA GLY B 103 7.35 -29.80 -0.15
C GLY B 103 5.86 -29.42 0.05
N ASP B 104 5.36 -29.61 1.28
CA ASP B 104 3.97 -29.31 1.55
C ASP B 104 3.93 -28.12 2.39
N ILE B 105 2.98 -27.23 2.09
CA ILE B 105 2.87 -25.97 2.80
C ILE B 105 1.55 -25.68 3.58
N ILE B 106 1.71 -25.03 4.73
CA ILE B 106 0.61 -24.61 5.50
C ILE B 106 0.82 -23.16 5.72
N VAL B 107 -0.26 -22.37 5.66
CA VAL B 107 -0.20 -20.92 5.81
C VAL B 107 -0.86 -20.52 7.13
N ILE B 108 -0.13 -19.78 7.98
CA ILE B 108 -0.58 -19.47 9.34
C ILE B 108 -0.82 -18.02 9.64
N PRO B 109 -2.03 -17.71 9.32
CA PRO B 109 -2.64 -16.47 9.52
C PRO B 109 -2.36 -15.86 10.89
N SER B 110 -2.32 -14.51 10.88
CA SER B 110 -2.14 -13.63 12.01
C SER B 110 -2.73 -14.09 13.36
N SER B 111 -3.98 -13.88 13.63
CA SER B 111 -4.32 -14.24 15.00
C SER B 111 -4.80 -15.62 15.24
N PHE B 112 -4.77 -16.45 14.18
CA PHE B 112 -5.19 -17.80 14.35
C PHE B 112 -4.14 -18.50 15.19
N PRO B 113 -4.67 -19.30 16.15
CA PRO B 113 -3.92 -20.16 17.01
C PRO B 113 -3.56 -21.47 16.23
N VAL B 114 -2.31 -21.87 16.31
CA VAL B 114 -1.83 -23.05 15.64
C VAL B 114 -0.96 -23.81 16.60
N ALA B 115 -0.84 -25.11 16.39
CA ALA B 115 -0.04 -26.06 17.22
C ALA B 115 0.47 -27.10 16.29
N LEU B 116 1.72 -27.49 16.39
CA LEU B 116 2.23 -28.45 15.44
C LEU B 116 2.88 -29.67 16.08
N LYS B 117 2.52 -30.91 15.63
CA LYS B 117 3.08 -32.22 16.17
C LYS B 117 4.26 -32.88 15.39
N ALA B 118 5.21 -33.45 16.07
CA ALA B 118 6.29 -33.90 15.32
C ALA B 118 6.48 -35.37 15.08
N ALA B 119 5.66 -35.85 14.14
CA ALA B 119 5.57 -37.23 13.67
C ALA B 119 6.85 -37.93 13.25
N SER B 120 7.94 -37.21 13.02
CA SER B 120 9.20 -37.87 12.63
C SER B 120 10.29 -36.89 12.80
N ASP B 121 11.55 -37.21 12.55
CA ASP B 121 12.55 -36.14 12.67
C ASP B 121 12.28 -35.05 11.72
N LEU B 122 11.96 -33.89 12.28
CA LEU B 122 11.39 -32.82 11.54
C LEU B 122 12.06 -31.52 11.35
N ASN B 123 12.01 -31.12 10.09
CA ASN B 123 12.45 -29.82 9.64
C ASN B 123 11.48 -29.08 8.76
N MET B 124 11.12 -27.91 9.34
CA MET B 124 10.32 -26.86 8.74
C MET B 124 11.10 -25.55 8.55
N VAL B 125 10.62 -24.71 7.61
CA VAL B 125 11.19 -23.39 7.31
C VAL B 125 10.05 -22.45 7.06
N GLY B 126 10.10 -21.29 7.63
CA GLY B 126 9.01 -20.35 7.45
C GLY B 126 9.44 -18.96 6.94
N ILE B 127 8.43 -18.25 6.51
CA ILE B 127 8.55 -16.94 6.02
C ILE B 127 7.34 -16.14 6.54
N GLY B 128 7.58 -15.02 7.16
CA GLY B 128 6.48 -14.25 7.68
C GLY B 128 6.38 -12.90 6.98
N VAL B 129 5.22 -12.64 6.43
CA VAL B 129 4.92 -11.44 5.75
C VAL B 129 4.27 -10.63 6.80
N ASN B 130 4.40 -9.29 6.76
CA ASN B 130 3.87 -8.34 7.79
C ASN B 130 4.60 -8.59 9.11
N ALA B 131 5.76 -9.18 8.90
CA ALA B 131 6.71 -9.63 9.87
C ALA B 131 7.07 -8.69 10.98
N GLU B 132 6.96 -7.46 10.78
CA GLU B 132 7.41 -6.56 11.81
C GLU B 132 6.70 -6.73 13.13
N ASN B 133 7.34 -6.18 14.20
CA ASN B 133 6.83 -6.09 15.56
C ASN B 133 5.94 -7.21 16.03
N ASN B 134 6.07 -8.38 15.40
CA ASN B 134 5.25 -9.54 15.69
C ASN B 134 5.64 -10.22 16.98
N GLU B 135 4.69 -10.57 17.84
CA GLU B 135 5.02 -11.24 19.09
C GLU B 135 4.35 -12.55 19.12
N ARG B 136 5.02 -13.57 19.59
CA ARG B 136 4.35 -14.84 19.64
C ARG B 136 3.77 -15.04 20.99
N ASN B 137 2.45 -15.27 21.06
CA ASN B 137 1.78 -15.49 22.31
C ASN B 137 1.46 -16.95 22.51
N PHE B 138 2.04 -17.56 23.58
CA PHE B 138 1.79 -18.94 23.93
C PHE B 138 0.49 -19.09 24.76
N LEU B 139 -0.31 -20.07 24.35
CA LEU B 139 -1.57 -20.40 24.98
C LEU B 139 -1.32 -21.59 25.93
N ALA B 140 -0.06 -21.95 26.11
CA ALA B 140 0.29 -23.04 26.95
C ALA B 140 1.79 -23.20 27.14
N GLY B 141 2.07 -23.73 28.33
CA GLY B 141 3.39 -23.93 28.83
C GLY B 141 3.62 -22.92 29.94
N HIS B 142 4.84 -22.93 30.41
CA HIS B 142 5.29 -22.10 31.46
C HIS B 142 5.56 -20.68 31.09
N LYS B 143 6.50 -20.50 30.19
CA LYS B 143 6.89 -19.20 29.74
C LYS B 143 5.96 -18.71 28.64
N GLU B 144 5.59 -17.42 28.74
CA GLU B 144 4.78 -16.64 27.77
C GLU B 144 3.40 -17.17 27.45
N ASN B 145 2.81 -17.73 28.48
CA ASN B 145 1.51 -18.32 28.47
C ASN B 145 0.55 -17.26 28.93
N VAL B 146 0.01 -16.58 27.97
CA VAL B 146 -0.93 -15.50 28.11
C VAL B 146 -2.09 -15.79 29.07
N ILE B 147 -2.51 -17.07 29.13
CA ILE B 147 -3.59 -17.50 30.04
C ILE B 147 -3.22 -17.41 31.55
N ARG B 148 -1.94 -17.71 31.85
CA ARG B 148 -1.37 -17.67 33.20
C ARG B 148 -1.52 -16.26 33.77
N GLN B 149 -1.52 -15.29 32.83
CA GLN B 149 -1.56 -13.89 33.13
C GLN B 149 -2.93 -13.24 33.32
N ILE B 150 -4.00 -13.98 33.43
CA ILE B 150 -5.28 -13.37 33.75
C ILE B 150 -5.49 -13.58 35.28
N PRO B 151 -5.69 -12.52 36.04
CA PRO B 151 -5.83 -12.71 37.46
C PRO B 151 -7.02 -13.58 37.80
N ARG B 152 -7.15 -13.90 39.11
CA ARG B 152 -8.12 -14.86 39.67
C ARG B 152 -9.60 -14.72 39.35
N GLN B 153 -10.22 -13.68 39.90
CA GLN B 153 -11.68 -13.53 39.71
C GLN B 153 -12.07 -13.47 38.25
N VAL B 154 -11.19 -12.90 37.43
CA VAL B 154 -11.50 -12.81 36.04
C VAL B 154 -11.46 -14.14 35.44
N SER B 155 -10.30 -14.76 35.62
CA SER B 155 -10.07 -16.08 35.10
C SER B 155 -11.18 -16.99 35.58
N ASP B 156 -11.59 -16.71 36.81
CA ASP B 156 -12.70 -17.39 37.42
C ASP B 156 -13.98 -17.14 36.59
N LEU B 157 -14.25 -15.87 36.29
CA LEU B 157 -15.37 -15.39 35.49
C LEU B 157 -15.32 -15.78 33.97
N THR B 158 -14.23 -16.41 33.57
CA THR B 158 -13.92 -16.70 32.20
C THR B 158 -13.95 -18.18 31.84
N PHE B 159 -13.56 -19.03 32.78
CA PHE B 159 -13.57 -20.46 32.53
C PHE B 159 -14.66 -21.12 33.34
N PRO B 160 -15.21 -22.25 32.83
CA PRO B 160 -16.24 -22.94 33.56
C PRO B 160 -15.77 -23.35 34.91
N GLY B 161 -14.45 -23.37 35.06
CA GLY B 161 -13.86 -23.72 36.34
C GLY B 161 -13.84 -22.55 37.29
N SER B 162 -12.71 -22.52 38.10
CA SER B 162 -12.46 -21.54 39.12
C SER B 162 -11.00 -21.17 39.34
N GLY B 163 -10.78 -19.85 39.30
CA GLY B 163 -9.51 -19.17 39.47
C GLY B 163 -8.28 -20.01 39.75
N GLU B 164 -8.33 -20.86 40.77
CA GLU B 164 -7.14 -21.62 41.16
C GLU B 164 -7.07 -22.95 40.48
N GLU B 165 -8.14 -23.62 40.65
CA GLU B 165 -8.41 -24.87 40.03
C GLU B 165 -8.02 -24.81 38.53
N VAL B 166 -8.02 -23.57 38.02
CA VAL B 166 -7.68 -23.22 36.68
C VAL B 166 -6.26 -22.68 36.67
N GLU B 167 -5.91 -22.04 37.75
CA GLU B 167 -4.57 -21.57 37.95
C GLU B 167 -3.68 -22.84 37.99
N GLU B 168 -4.25 -23.85 38.71
CA GLU B 168 -3.79 -25.22 38.95
C GLU B 168 -3.35 -25.92 37.67
N LEU B 169 -4.29 -26.06 36.77
CA LEU B 169 -4.04 -26.68 35.52
C LEU B 169 -2.96 -25.90 34.84
N LEU B 170 -3.08 -24.56 34.87
CA LEU B 170 -2.11 -23.73 34.18
C LEU B 170 -0.66 -24.08 34.36
N GLU B 171 -0.16 -23.99 35.60
CA GLU B 171 1.23 -24.36 35.86
C GLU B 171 1.47 -25.90 35.99
N ASN B 172 0.56 -26.75 35.44
CA ASN B 172 0.77 -28.20 35.45
C ASN B 172 1.77 -28.57 34.34
N GLN B 173 1.82 -27.74 33.31
CA GLN B 173 2.75 -27.99 32.22
C GLN B 173 4.19 -27.83 32.66
N LYS B 174 4.75 -28.97 32.91
CA LYS B 174 6.09 -29.09 33.34
C LYS B 174 6.99 -28.07 32.64
N GLU B 175 6.99 -28.20 31.26
CA GLU B 175 7.82 -27.53 30.27
C GLU B 175 7.35 -26.21 29.62
N SER B 176 8.08 -25.80 28.52
CA SER B 176 7.86 -24.52 27.86
C SER B 176 7.37 -24.34 26.40
N TYR B 177 8.14 -24.63 25.38
CA TYR B 177 7.62 -24.31 24.03
C TYR B 177 7.23 -25.52 23.18
N PHE B 178 8.20 -26.40 23.06
CA PHE B 178 8.03 -27.67 22.42
C PHE B 178 7.85 -28.68 23.58
N VAL B 179 6.90 -29.63 23.49
CA VAL B 179 6.74 -30.64 24.58
C VAL B 179 6.54 -32.03 24.04
N ASP B 180 6.85 -32.95 24.91
CA ASP B 180 6.66 -34.32 24.62
C ASP B 180 5.20 -34.56 24.48
N GLY B 181 4.77 -35.05 23.29
CA GLY B 181 3.36 -35.29 23.01
C GLY B 181 2.95 -36.75 22.83
N GLN B 182 3.53 -37.65 23.67
CA GLN B 182 3.30 -39.12 23.74
C GLN B 182 1.89 -39.47 24.26
N PRO B 183 1.09 -40.08 23.40
CA PRO B 183 -0.30 -40.33 23.74
C PRO B 183 -0.68 -40.81 25.08
N ARG B 184 -1.99 -40.86 25.14
CA ARG B 184 -2.79 -41.30 26.24
C ARG B 184 -3.83 -42.18 25.55
N ALA C 1 -12.45 1.67 -29.44
CA ALA C 1 -11.73 0.58 -28.74
C ALA C 1 -12.47 -0.01 -27.52
N GLN C 2 -11.64 -0.33 -26.46
CA GLN C 2 -12.07 -0.88 -25.18
C GLN C 2 -10.99 -1.52 -24.31
N ASN C 3 -10.21 -2.51 -24.83
CA ASN C 3 -9.27 -3.21 -23.94
C ASN C 3 -7.92 -3.65 -24.50
N ASN C 4 -6.97 -2.72 -24.27
CA ASN C 4 -5.58 -2.72 -24.69
C ASN C 4 -4.98 -3.91 -25.37
N PRO C 5 -4.70 -3.72 -26.70
CA PRO C 5 -4.03 -4.60 -27.65
C PRO C 5 -2.68 -5.18 -27.14
N TYR C 6 -2.51 -4.85 -25.83
CA TYR C 6 -1.47 -5.03 -24.82
C TYR C 6 -1.19 -3.60 -24.48
N LEU C 7 -0.65 -2.98 -25.46
CA LEU C 7 -0.37 -1.60 -25.45
C LEU C 7 -0.12 -0.85 -24.18
N PHE C 8 1.11 -0.35 -24.27
CA PHE C 8 1.75 0.51 -23.42
C PHE C 8 1.74 1.85 -24.07
N ARG C 9 1.43 1.86 -25.44
CA ARG C 9 1.31 3.07 -26.36
C ARG C 9 -0.04 3.76 -26.16
N SER C 10 -0.01 5.09 -25.95
CA SER C 10 -1.22 5.82 -25.62
C SER C 10 -1.36 7.23 -26.22
N ASN C 11 -2.12 7.51 -27.35
CA ASN C 11 -2.30 8.97 -27.76
C ASN C 11 -3.58 9.78 -27.28
N LYS C 12 -4.61 9.11 -26.73
CA LYS C 12 -5.86 9.77 -26.35
C LYS C 12 -6.09 10.34 -24.98
N PHE C 13 -6.12 11.68 -24.98
CA PHE C 13 -6.37 12.61 -23.87
C PHE C 13 -7.80 13.26 -24.03
N LEU C 14 -8.75 12.93 -23.11
CA LEU C 14 -10.15 13.50 -23.15
C LEU C 14 -10.23 15.04 -22.92
N THR C 15 -11.25 15.66 -23.51
CA THR C 15 -11.39 17.10 -23.37
C THR C 15 -12.01 17.74 -22.17
N LEU C 16 -11.15 18.10 -21.24
CA LEU C 16 -11.57 18.70 -20.02
C LEU C 16 -12.24 20.04 -20.15
N PHE C 17 -11.52 21.09 -20.60
CA PHE C 17 -12.16 22.39 -20.48
C PHE C 17 -11.59 23.56 -21.35
N LYS C 18 -11.37 23.28 -22.64
CA LYS C 18 -10.83 24.17 -23.71
C LYS C 18 -11.45 25.60 -23.86
N ASN C 19 -10.91 26.36 -24.87
CA ASN C 19 -11.36 27.72 -25.25
C ASN C 19 -10.54 28.44 -26.36
N GLN C 20 -10.78 29.76 -26.56
CA GLN C 20 -10.05 30.53 -27.59
C GLN C 20 -8.62 30.95 -27.23
N HIS C 21 -8.18 30.58 -26.05
CA HIS C 21 -6.81 30.82 -25.60
C HIS C 21 -6.42 29.76 -24.61
N GLY C 22 -7.16 28.68 -24.62
CA GLY C 22 -6.87 27.67 -23.64
C GLY C 22 -6.91 26.27 -24.16
N SER C 23 -6.88 25.37 -23.14
CA SER C 23 -6.90 23.91 -23.25
C SER C 23 -6.75 23.25 -21.94
N LEU C 24 -7.30 22.04 -21.86
CA LEU C 24 -7.12 21.18 -20.71
C LEU C 24 -7.48 19.71 -20.91
N ARG C 25 -6.44 18.87 -21.01
CA ARG C 25 -6.71 17.49 -21.27
C ARG C 25 -6.23 16.57 -20.20
N LEU C 26 -6.94 15.50 -20.05
CA LEU C 26 -6.65 14.49 -19.06
C LEU C 26 -6.55 13.13 -19.72
N LEU C 27 -5.33 12.63 -19.77
CA LEU C 27 -5.09 11.33 -20.35
C LEU C 27 -5.87 10.24 -19.62
N GLN C 28 -6.45 9.26 -20.36
CA GLN C 28 -7.24 8.17 -19.75
C GLN C 28 -6.53 7.36 -18.66
N ARG C 29 -7.34 6.67 -17.87
CA ARG C 29 -6.88 5.77 -16.78
C ARG C 29 -6.01 4.68 -17.40
N PHE C 30 -4.69 4.68 -17.09
CA PHE C 30 -3.75 3.70 -17.65
C PHE C 30 -4.33 2.29 -17.77
N ASN C 31 -5.04 1.85 -16.71
CA ASN C 31 -5.66 0.51 -16.58
C ASN C 31 -7.15 0.40 -17.04
N GLU C 32 -7.58 1.24 -17.99
CA GLU C 32 -8.93 1.20 -18.55
C GLU C 32 -9.09 0.10 -19.57
N ASP C 33 -8.05 -0.04 -20.41
CA ASP C 33 -8.08 -0.95 -21.53
C ASP C 33 -7.33 -2.24 -21.27
N THR C 34 -6.19 -2.09 -20.58
CA THR C 34 -5.22 -3.16 -20.30
C THR C 34 -5.16 -3.65 -18.81
N GLU C 35 -4.83 -4.95 -18.62
CA GLU C 35 -4.77 -5.55 -17.28
C GLU C 35 -3.39 -5.40 -16.71
N LYS C 36 -2.46 -5.24 -17.68
CA LYS C 36 -1.01 -5.19 -17.57
C LYS C 36 -0.31 -4.07 -16.81
N LEU C 37 -0.76 -2.81 -16.91
CA LEU C 37 -0.05 -1.73 -16.18
C LEU C 37 -0.82 -1.41 -14.91
N GLU C 38 -0.93 -2.44 -14.09
CA GLU C 38 -1.74 -2.36 -12.91
C GLU C 38 -1.17 -1.45 -11.86
N ASN C 39 0.18 -1.46 -11.73
CA ASN C 39 0.89 -0.63 -10.76
C ASN C 39 0.74 0.85 -11.08
N LEU C 40 0.14 1.13 -12.22
CA LEU C 40 0.00 2.52 -12.55
C LEU C 40 -1.46 3.00 -12.38
N ARG C 41 -2.23 2.39 -11.49
CA ARG C 41 -3.62 2.81 -11.40
C ARG C 41 -3.91 4.11 -10.70
N ASP C 42 -3.21 4.34 -9.63
CA ASP C 42 -3.48 5.47 -8.82
C ASP C 42 -2.83 6.77 -9.36
N TYR C 43 -2.50 6.83 -10.68
CA TYR C 43 -1.90 8.05 -11.30
C TYR C 43 -2.57 8.42 -12.59
N ARG C 44 -2.48 9.74 -12.88
CA ARG C 44 -3.06 10.37 -14.07
C ARG C 44 -2.24 11.51 -14.54
N VAL C 45 -2.21 11.67 -15.87
CA VAL C 45 -1.52 12.73 -16.58
C VAL C 45 -2.53 13.71 -17.19
N LEU C 46 -2.33 15.05 -16.91
CA LEU C 46 -3.12 16.16 -17.49
C LEU C 46 -2.18 17.08 -18.25
N GLU C 47 -2.36 17.16 -19.53
CA GLU C 47 -1.58 18.07 -20.34
C GLU C 47 -2.50 19.29 -20.55
N TYR C 48 -2.00 20.46 -20.17
CA TYR C 48 -2.78 21.67 -20.33
C TYR C 48 -1.99 22.74 -21.11
N CYS C 49 -2.59 23.34 -22.20
CA CYS C 49 -1.89 24.42 -22.98
C CYS C 49 -2.63 25.76 -22.94
N SER C 50 -1.90 26.85 -23.14
CA SER C 50 -2.47 28.22 -23.21
C SER C 50 -1.63 29.28 -24.03
N LYS C 51 -2.35 30.22 -24.64
CA LYS C 51 -1.68 31.23 -25.42
C LYS C 51 -1.01 32.18 -24.49
N PRO C 52 -0.53 33.32 -25.06
CA PRO C 52 0.09 34.35 -24.22
C PRO C 52 -0.99 35.12 -23.48
N ASN C 53 -0.59 35.96 -22.54
CA ASN C 53 -1.53 36.76 -21.72
C ASN C 53 -2.89 36.13 -21.28
N THR C 54 -2.80 35.05 -20.51
CA THR C 54 -3.98 34.32 -20.02
C THR C 54 -3.74 33.72 -18.59
N LEU C 55 -4.83 33.50 -17.84
CA LEU C 55 -4.73 32.88 -16.53
C LEU C 55 -5.54 31.59 -16.39
N LEU C 56 -5.34 30.91 -15.28
CA LEU C 56 -6.07 29.69 -15.00
C LEU C 56 -6.57 29.93 -13.62
N LEU C 57 -7.80 30.40 -13.57
CA LEU C 57 -8.41 30.80 -12.34
C LEU C 57 -8.19 29.82 -11.17
N PRO C 58 -7.95 30.33 -9.94
CA PRO C 58 -7.75 29.46 -8.80
C PRO C 58 -8.76 28.32 -8.68
N HIS C 59 -8.25 27.20 -8.24
CA HIS C 59 -8.96 25.98 -7.97
C HIS C 59 -8.00 25.07 -7.20
N HIS C 60 -8.52 24.10 -6.45
CA HIS C 60 -7.65 23.15 -5.73
C HIS C 60 -7.89 21.76 -6.33
N SER C 61 -6.95 20.92 -6.10
CA SER C 61 -7.13 19.61 -6.59
C SER C 61 -7.16 18.75 -5.40
N ASP C 62 -7.78 17.62 -5.54
CA ASP C 62 -7.85 16.77 -4.42
C ASP C 62 -6.76 15.80 -4.50
N SER C 63 -5.78 16.08 -5.32
CA SER C 63 -4.67 15.17 -5.57
C SER C 63 -3.37 15.80 -5.41
N ASP C 64 -2.37 15.01 -5.24
CA ASP C 64 -1.07 15.57 -5.14
C ASP C 64 -0.57 15.75 -6.55
N LEU C 65 -0.11 16.93 -6.89
CA LEU C 65 0.34 17.15 -8.27
C LEU C 65 1.81 17.45 -8.36
N LEU C 66 2.42 16.96 -9.42
CA LEU C 66 3.79 17.26 -9.76
C LEU C 66 3.66 17.95 -11.08
N VAL C 67 4.22 19.16 -11.20
CA VAL C 67 4.05 20.02 -12.37
C VAL C 67 5.23 20.08 -13.29
N LEU C 68 5.00 20.33 -14.59
CA LEU C 68 6.13 20.35 -15.51
C LEU C 68 6.01 21.27 -16.69
N VAL C 69 7.10 22.04 -16.91
CA VAL C 69 7.16 22.98 -18.02
C VAL C 69 7.78 22.38 -19.27
N LEU C 70 6.92 22.08 -20.23
CA LEU C 70 7.32 21.49 -21.48
C LEU C 70 7.73 22.53 -22.50
N GLU C 71 7.06 23.64 -22.49
CA GLU C 71 7.29 24.69 -23.45
C GLU C 71 6.75 25.96 -22.87
N GLY C 72 7.52 27.03 -22.95
CA GLY C 72 7.05 28.29 -22.47
C GLY C 72 7.76 28.76 -21.26
N GLN C 73 7.06 29.60 -20.55
CA GLN C 73 7.50 30.19 -19.34
C GLN C 73 6.22 30.43 -18.55
N ALA C 74 6.23 30.24 -17.21
CA ALA C 74 5.02 30.41 -16.40
C ALA C 74 5.22 31.20 -15.14
N ILE C 75 4.18 31.19 -14.32
CA ILE C 75 4.18 31.87 -13.03
C ILE C 75 3.11 31.19 -12.22
N LEU C 76 3.55 30.53 -11.14
CA LEU C 76 2.68 29.80 -10.25
C LEU C 76 2.37 30.46 -8.89
N VAL C 77 1.17 30.90 -8.70
CA VAL C 77 0.90 31.36 -7.36
C VAL C 77 0.18 30.28 -6.62
N LEU C 78 0.54 30.07 -5.37
CA LEU C 78 -0.01 29.01 -4.49
C LEU C 78 -0.60 29.65 -3.21
N VAL C 79 -1.94 29.70 -3.11
CA VAL C 79 -2.64 30.31 -1.98
C VAL C 79 -2.99 29.40 -0.83
N ASN C 80 -2.49 29.80 0.33
CA ASN C 80 -2.69 29.17 1.64
C ASN C 80 -3.32 30.18 2.57
N PRO C 81 -3.90 29.74 3.66
CA PRO C 81 -4.60 30.67 4.59
C PRO C 81 -3.87 31.91 5.19
N ASP C 82 -2.51 32.08 5.04
CA ASP C 82 -1.79 33.20 5.72
C ASP C 82 -0.96 34.08 4.79
N GLY C 83 -1.01 33.75 3.51
CA GLY C 83 -0.29 34.49 2.49
C GLY C 83 -0.27 33.65 1.23
N ARG C 84 0.31 34.22 0.17
CA ARG C 84 0.43 33.52 -1.10
C ARG C 84 1.91 33.37 -1.30
N ASP C 85 2.36 32.33 -2.08
CA ASP C 85 3.78 32.07 -2.40
C ASP C 85 3.89 32.09 -3.91
N THR C 86 4.83 32.86 -4.47
CA THR C 86 4.81 32.97 -5.91
C THR C 86 6.00 32.42 -6.65
N TYR C 87 5.77 31.53 -7.64
CA TYR C 87 6.86 30.97 -8.44
C TYR C 87 6.79 31.19 -9.97
N LYS C 88 7.94 30.99 -10.55
CA LYS C 88 8.11 31.14 -11.98
C LYS C 88 8.36 29.83 -12.76
N LEU C 89 7.47 29.23 -13.42
CA LEU C 89 8.17 28.18 -14.09
C LEU C 89 8.77 28.62 -15.45
N ASP C 90 9.97 28.12 -15.73
CA ASP C 90 10.66 28.31 -17.00
C ASP C 90 11.15 26.93 -17.46
N GLN C 91 11.28 26.69 -18.78
CA GLN C 91 11.66 25.37 -19.29
C GLN C 91 12.14 24.27 -18.37
N GLY C 92 11.42 23.19 -18.34
CA GLY C 92 11.84 22.09 -17.53
C GLY C 92 11.66 22.31 -16.07
N ASP C 93 11.39 23.55 -15.70
CA ASP C 93 11.14 23.83 -14.32
C ASP C 93 10.09 22.87 -13.85
N ALA C 94 10.25 22.32 -12.66
CA ALA C 94 9.23 21.40 -12.11
C ALA C 94 8.91 21.74 -10.68
N ILE C 95 7.65 21.55 -10.28
CA ILE C 95 7.25 21.81 -8.88
C ILE C 95 6.12 20.87 -8.41
N LYS C 96 6.13 20.53 -7.10
CA LYS C 96 5.06 19.65 -6.60
C LYS C 96 3.91 20.34 -5.83
N ILE C 97 2.72 20.48 -6.45
CA ILE C 97 1.58 21.09 -5.78
C ILE C 97 0.88 20.05 -4.83
N GLN C 98 0.88 20.36 -3.58
CA GLN C 98 0.34 19.56 -2.51
C GLN C 98 -1.22 19.45 -2.52
N ALA C 99 -1.78 18.24 -2.62
CA ALA C 99 -3.23 18.09 -2.67
C ALA C 99 -4.02 18.99 -1.72
N GLY C 100 -5.03 19.67 -2.27
CA GLY C 100 -5.87 20.55 -1.47
C GLY C 100 -5.49 22.03 -1.36
N THR C 101 -4.34 22.49 -1.94
CA THR C 101 -3.92 23.96 -1.86
C THR C 101 -4.38 24.76 -3.07
N PRO C 102 -5.29 25.73 -2.86
CA PRO C 102 -5.84 26.49 -3.95
C PRO C 102 -4.67 27.15 -4.59
N PHE C 103 -4.70 27.29 -5.96
CA PHE C 103 -3.59 27.82 -6.73
C PHE C 103 -3.93 28.20 -8.14
N TYR C 104 -3.36 29.35 -8.59
CA TYR C 104 -3.54 29.83 -9.92
C TYR C 104 -2.24 30.01 -10.71
N LEU C 105 -2.26 29.44 -11.92
CA LEU C 105 -1.15 29.36 -12.85
C LEU C 105 -1.38 30.25 -14.06
N ILE C 106 -0.38 31.13 -14.31
CA ILE C 106 -0.39 32.16 -15.34
C ILE C 106 0.78 32.04 -16.32
N ASN C 107 0.67 32.77 -17.38
CA ASN C 107 1.71 32.79 -18.36
C ASN C 107 1.88 34.20 -18.81
N PRO C 108 2.93 34.71 -18.38
CA PRO C 108 3.19 36.06 -18.62
C PRO C 108 3.35 36.35 -20.07
N ASP C 109 3.12 37.61 -20.22
CA ASP C 109 3.23 38.57 -21.29
C ASP C 109 3.51 38.27 -22.81
N ASN C 110 4.63 37.66 -23.16
CA ASN C 110 5.07 37.47 -24.53
C ASN C 110 4.13 37.04 -25.65
N ASN C 111 4.68 36.12 -26.51
CA ASN C 111 4.02 35.63 -27.74
C ASN C 111 4.26 34.14 -28.00
N GLN C 112 4.97 33.51 -27.08
CA GLN C 112 5.15 32.08 -27.10
C GLN C 112 4.14 31.53 -26.07
N ASN C 113 3.68 30.29 -26.24
CA ASN C 113 2.69 29.82 -25.30
C ASN C 113 3.20 29.10 -24.12
N LEU C 114 2.26 28.38 -23.54
CA LEU C 114 2.58 27.67 -22.36
C LEU C 114 2.06 26.28 -22.43
N ARG C 115 2.96 25.36 -22.13
CA ARG C 115 2.70 23.98 -22.19
C ARG C 115 3.25 23.30 -20.97
N ILE C 116 2.27 22.86 -20.16
CA ILE C 116 2.51 22.24 -18.87
C ILE C 116 2.12 20.79 -18.80
N LEU C 117 2.92 19.99 -18.05
CA LEU C 117 2.64 18.60 -17.85
C LEU C 117 2.27 18.36 -16.38
N LYS C 118 1.00 18.00 -16.12
CA LYS C 118 0.41 17.75 -14.76
C LYS C 118 0.38 16.22 -14.45
N PHE C 119 1.04 15.79 -13.37
CA PHE C 119 1.06 14.38 -13.07
C PHE C 119 0.44 14.09 -11.73
N ALA C 120 -0.70 13.45 -11.76
CA ALA C 120 -1.42 13.26 -10.56
C ALA C 120 -1.15 11.99 -9.86
N ILE C 121 -0.93 12.14 -8.54
CA ILE C 121 -0.75 11.10 -7.51
C ILE C 121 -2.01 11.08 -6.71
N THR C 122 -2.86 10.07 -6.86
CA THR C 122 -4.18 10.10 -6.23
C THR C 122 -4.40 9.44 -4.89
N PHE C 123 -5.11 10.15 -3.99
CA PHE C 123 -5.41 9.58 -2.71
C PHE C 123 -6.89 9.30 -2.44
N ARG C 124 -7.74 10.31 -2.37
CA ARG C 124 -9.14 10.00 -2.11
C ARG C 124 -9.86 9.01 -3.05
N ARG C 125 -9.19 8.54 -4.07
CA ARG C 125 -9.85 7.63 -5.01
C ARG C 125 -8.93 7.45 -6.14
N PRO C 126 -8.65 6.19 -6.50
CA PRO C 126 -7.77 5.88 -7.59
C PRO C 126 -8.36 6.20 -8.93
N GLY C 127 -7.58 7.03 -9.65
CA GLY C 127 -7.91 7.55 -10.96
C GLY C 127 -8.58 8.93 -10.86
N THR C 128 -9.50 9.02 -9.95
CA THR C 128 -10.18 10.23 -9.82
C THR C 128 -9.31 11.43 -9.46
N VAL C 129 -9.49 12.47 -10.27
CA VAL C 129 -8.85 13.73 -10.09
C VAL C 129 -9.84 14.92 -10.35
N GLU C 130 -10.25 15.51 -9.26
CA GLU C 130 -11.24 16.54 -9.27
C GLU C 130 -10.60 17.85 -8.86
N ASP C 131 -10.65 18.82 -9.74
CA ASP C 131 -10.06 20.10 -9.47
C ASP C 131 -11.21 20.97 -9.06
N PHE C 132 -11.15 21.66 -7.94
CA PHE C 132 -12.35 22.41 -7.47
C PHE C 132 -12.22 23.92 -7.69
N PHE C 133 -13.07 24.48 -8.58
CA PHE C 133 -13.06 25.93 -8.91
C PHE C 133 -13.96 26.91 -8.06
N LEU C 134 -13.42 28.07 -7.80
CA LEU C 134 -14.21 29.04 -7.10
C LEU C 134 -15.33 29.71 -7.98
N SER C 135 -15.12 29.75 -9.35
CA SER C 135 -16.00 30.38 -10.37
C SER C 135 -17.16 29.62 -11.06
N SER C 136 -18.28 30.35 -11.13
CA SER C 136 -19.44 29.90 -11.83
C SER C 136 -19.18 30.33 -13.23
N THR C 137 -19.02 29.40 -14.10
CA THR C 137 -18.69 29.67 -15.47
C THR C 137 -19.60 28.88 -16.37
N LYS C 138 -19.60 29.12 -17.72
CA LYS C 138 -20.56 28.44 -18.65
C LYS C 138 -21.01 27.07 -18.27
N ARG C 139 -20.03 26.26 -18.03
CA ARG C 139 -20.24 24.93 -17.64
C ARG C 139 -20.47 24.76 -16.14
N LEU C 140 -19.42 24.77 -15.40
CA LEU C 140 -19.65 24.55 -14.02
C LEU C 140 -19.77 25.79 -13.23
N PRO C 141 -20.66 25.77 -12.28
CA PRO C 141 -20.86 26.87 -11.37
C PRO C 141 -19.91 26.68 -10.16
N SER C 142 -19.76 27.67 -9.34
CA SER C 142 -18.88 27.56 -8.21
C SER C 142 -19.40 26.74 -7.03
N TYR C 143 -18.49 26.00 -6.43
CA TYR C 143 -18.85 25.17 -5.30
C TYR C 143 -19.53 25.90 -4.15
N LEU C 144 -19.18 27.17 -3.97
CA LEU C 144 -19.85 27.95 -2.95
C LEU C 144 -21.34 28.09 -3.29
N SER C 145 -21.72 27.43 -4.36
CA SER C 145 -23.05 27.46 -4.77
C SER C 145 -23.82 26.22 -4.31
N ALA C 146 -23.13 25.31 -3.60
CA ALA C 146 -23.81 24.08 -3.16
C ALA C 146 -24.40 24.06 -1.73
N PHE C 147 -24.11 25.13 -1.00
CA PHE C 147 -24.61 25.34 0.32
C PHE C 147 -25.93 26.07 0.24
N SER C 148 -26.72 25.89 1.30
CA SER C 148 -28.02 26.50 1.48
C SER C 148 -27.87 28.01 1.64
N LYS C 149 -28.86 28.77 1.11
CA LYS C 149 -28.78 30.22 1.25
C LYS C 149 -28.53 30.57 2.70
N ASN C 150 -29.08 29.69 3.57
CA ASN C 150 -28.95 29.89 4.97
C ASN C 150 -27.53 29.72 5.40
N PHE C 151 -26.81 28.90 4.71
CA PHE C 151 -25.45 28.71 5.11
C PHE C 151 -24.66 29.93 4.73
N LEU C 152 -24.95 30.38 3.51
CA LEU C 152 -24.30 31.53 2.88
C LEU C 152 -24.67 32.88 3.55
N GLU C 153 -25.88 32.92 4.14
CA GLU C 153 -26.25 34.12 4.81
C GLU C 153 -25.43 34.09 6.11
N ALA C 154 -25.67 33.04 6.89
CA ALA C 154 -24.98 32.79 8.16
C ALA C 154 -23.47 32.92 8.05
N SER C 155 -22.87 32.11 7.16
CA SER C 155 -21.44 32.18 6.99
C SER C 155 -20.95 33.60 6.76
N TYR C 156 -21.36 34.16 5.60
CA TYR C 156 -20.93 35.44 5.07
C TYR C 156 -21.23 36.74 5.77
N ASP C 157 -22.42 36.90 6.31
CA ASP C 157 -22.77 38.20 6.90
C ASP C 157 -22.91 39.26 5.80
N SER C 158 -23.74 38.83 4.82
CA SER C 158 -24.15 39.46 3.60
C SER C 158 -25.48 38.80 3.22
N PRO C 159 -26.28 39.42 2.36
CA PRO C 159 -27.56 38.85 1.97
C PRO C 159 -27.50 37.98 0.68
N TYR C 160 -28.21 36.83 0.69
CA TYR C 160 -28.19 35.97 -0.52
C TYR C 160 -28.03 36.77 -1.81
N ASP C 161 -28.76 37.84 -1.83
CA ASP C 161 -28.68 38.75 -2.93
C ASP C 161 -27.30 39.46 -3.12
N GLU C 162 -26.54 39.72 -2.02
CA GLU C 162 -25.15 40.29 -2.01
C GLU C 162 -24.21 39.15 -2.40
N ILE C 163 -24.44 38.00 -1.79
CA ILE C 163 -23.68 36.84 -2.11
C ILE C 163 -23.81 36.49 -3.59
N GLU C 164 -24.98 35.92 -4.02
CA GLU C 164 -25.27 35.50 -5.40
C GLU C 164 -24.68 36.44 -6.39
N GLN C 165 -24.49 37.68 -6.00
CA GLN C 165 -23.85 38.61 -6.91
C GLN C 165 -22.39 38.43 -7.20
N THR C 166 -21.61 37.90 -6.18
CA THR C 166 -20.16 37.59 -6.28
C THR C 166 -19.84 36.09 -5.94
N LEU C 167 -20.73 35.36 -6.46
CA LEU C 167 -20.88 33.99 -6.33
C LEU C 167 -20.79 33.58 -7.71
N LEU C 168 -21.95 33.11 -8.22
CA LEU C 168 -22.18 32.67 -9.59
C LEU C 168 -21.65 33.65 -10.64
N GLN C 169 -21.88 33.39 -11.95
CA GLN C 169 -21.50 34.34 -12.98
C GLN C 169 -21.66 33.76 -14.34
N GLU C 170 -21.61 34.64 -15.41
CA GLU C 170 -21.70 34.30 -16.84
C GLU C 170 -20.41 33.65 -17.33
N GLU C 171 -19.28 34.05 -16.72
CA GLU C 171 -17.94 33.55 -17.05
C GLU C 171 -17.74 33.05 -18.48
N GLN C 172 -18.49 33.81 -19.30
CA GLN C 172 -18.53 33.82 -20.71
C GLN C 172 -17.38 32.99 -21.23
N GLU C 173 -16.16 33.45 -20.83
CA GLU C 173 -14.92 32.77 -21.17
C GLU C 173 -14.75 31.46 -20.43
N GLY C 174 -14.84 31.50 -19.12
CA GLY C 174 -14.72 30.29 -18.39
C GLY C 174 -13.43 30.22 -17.57
N VAL C 175 -12.76 29.08 -17.69
CA VAL C 175 -11.61 28.77 -16.86
C VAL C 175 -10.19 29.19 -17.24
N ILE C 176 -9.91 29.43 -18.53
CA ILE C 176 -8.64 29.92 -19.02
C ILE C 176 -8.85 31.36 -19.52
N VAL C 177 -8.64 32.29 -18.59
CA VAL C 177 -8.82 33.73 -18.78
C VAL C 177 -7.72 34.38 -19.63
N LYS C 178 -7.79 35.70 -19.78
CA LYS C 178 -6.77 36.38 -20.52
C LYS C 178 -6.27 37.42 -19.60
N MET C 179 -4.99 37.40 -19.46
CA MET C 179 -4.32 38.34 -18.59
C MET C 179 -4.62 39.85 -18.93
N PRO C 180 -5.80 40.34 -18.40
CA PRO C 180 -6.34 41.69 -18.64
C PRO C 180 -5.36 42.72 -19.14
N LYS C 181 -4.21 42.76 -18.47
CA LYS C 181 -3.18 43.74 -18.74
C LYS C 181 -1.83 43.21 -18.22
N THR D 1 14.61 35.16 -8.29
CA THR D 1 13.29 35.25 -8.87
C THR D 1 12.25 35.15 -7.74
N LEU D 2 12.81 34.60 -6.68
CA LEU D 2 12.22 34.33 -5.39
C LEU D 2 13.36 33.89 -4.46
N SER D 3 13.85 34.86 -3.69
CA SER D 3 14.98 34.67 -2.79
C SER D 3 14.54 33.84 -1.64
N SER D 4 13.70 34.45 -0.87
CA SER D 4 13.19 33.77 0.24
C SER D 4 12.02 32.95 -0.26
N GLN D 5 12.40 32.02 -1.18
CA GLN D 5 11.61 31.07 -1.99
C GLN D 5 11.14 29.75 -1.29
N ASP D 6 12.12 28.91 -1.03
CA ASP D 6 12.22 27.59 -0.40
C ASP D 6 11.13 26.75 0.35
N LYS D 7 11.39 25.46 0.16
CA LYS D 7 10.67 24.26 0.52
C LYS D 7 10.37 23.74 -0.86
N PRO D 8 9.26 23.04 -1.03
CA PRO D 8 8.78 22.79 -2.32
C PRO D 8 8.73 24.16 -3.03
N PHE D 9 9.91 24.48 -3.48
CA PHE D 9 10.29 25.59 -4.22
C PHE D 9 10.87 24.84 -5.38
N ASN D 10 10.78 25.37 -6.57
CA ASN D 10 11.17 24.63 -7.78
C ASN D 10 12.40 23.72 -7.82
N LEU D 11 12.55 23.06 -8.97
CA LEU D 11 13.65 22.14 -9.33
C LEU D 11 13.74 22.09 -10.86
N ARG D 12 14.95 21.98 -11.43
CA ARG D 12 15.12 22.00 -12.88
C ARG D 12 15.82 20.80 -13.55
N SER D 13 17.20 20.77 -13.53
CA SER D 13 18.06 19.73 -14.20
C SER D 13 19.65 20.05 -14.32
N ARG D 14 20.47 19.60 -13.29
CA ARG D 14 21.95 19.73 -13.24
C ARG D 14 22.71 18.35 -13.35
N ASP D 15 23.52 18.28 -14.46
CA ASP D 15 24.40 17.21 -14.96
C ASP D 15 23.76 15.92 -15.40
N PRO D 16 24.19 15.48 -16.57
CA PRO D 16 23.72 14.27 -17.27
C PRO D 16 24.48 12.95 -17.08
N ILE D 17 23.75 11.83 -16.77
CA ILE D 17 24.34 10.48 -16.69
C ILE D 17 24.99 10.07 -18.02
N TYR D 18 24.42 10.52 -19.11
CA TYR D 18 25.02 10.20 -20.38
C TYR D 18 25.26 11.45 -21.28
N SER D 19 26.44 11.53 -21.90
CA SER D 19 26.71 12.62 -22.73
C SER D 19 27.75 12.24 -23.72
N ASN D 20 27.39 12.48 -25.04
CA ASN D 20 28.22 12.14 -26.19
C ASN D 20 27.92 13.01 -27.39
N ASN D 21 28.33 12.54 -28.55
CA ASN D 21 28.04 13.22 -29.79
C ASN D 21 26.57 13.00 -30.18
N TYR D 22 26.01 11.86 -29.77
CA TYR D 22 24.66 11.42 -30.07
C TYR D 22 23.51 11.88 -29.17
N GLY D 23 23.74 12.18 -27.88
CA GLY D 23 22.63 12.56 -27.02
C GLY D 23 23.01 13.02 -25.63
N LYS D 24 21.96 13.21 -24.77
CA LYS D 24 22.05 13.55 -23.32
C LYS D 24 20.91 12.88 -22.61
N LEU D 25 21.15 12.59 -21.34
CA LEU D 25 20.18 11.93 -20.49
C LEU D 25 20.37 12.46 -19.13
N TYR D 26 19.42 13.28 -18.67
CA TYR D 26 19.46 13.86 -17.31
C TYR D 26 18.49 13.16 -16.40
N GLU D 27 18.92 13.00 -15.18
CA GLU D 27 18.10 12.39 -14.18
C GLU D 27 18.20 13.08 -12.85
N ILE D 28 17.01 13.22 -12.23
CA ILE D 28 16.71 13.75 -10.90
C ILE D 28 16.01 12.59 -10.21
N THR D 29 16.50 12.17 -9.03
CA THR D 29 15.98 10.99 -8.33
C THR D 29 15.58 11.25 -6.91
N PRO D 30 14.66 10.41 -6.43
CA PRO D 30 14.23 10.48 -5.05
C PRO D 30 15.48 10.55 -4.09
N GLU D 31 16.44 9.76 -4.41
CA GLU D 31 17.64 9.73 -3.65
C GLU D 31 18.24 11.12 -3.45
N LYS D 32 18.15 11.94 -4.52
CA LYS D 32 18.73 13.27 -4.63
C LYS D 32 17.78 14.45 -4.48
N ASN D 33 16.49 14.20 -4.51
CA ASN D 33 15.62 15.34 -4.51
C ASN D 33 14.51 15.24 -3.50
N SER D 34 14.53 16.22 -2.61
CA SER D 34 13.59 16.38 -1.50
C SER D 34 12.18 15.85 -1.76
N GLN D 35 11.48 16.46 -2.70
CA GLN D 35 10.10 16.10 -3.03
C GLN D 35 10.02 15.07 -4.16
N LEU D 36 10.89 14.11 -4.15
CA LEU D 36 10.80 13.12 -5.16
C LEU D 36 10.71 11.79 -4.46
N ARG D 37 11.27 11.79 -3.27
CA ARG D 37 11.35 10.67 -2.28
C ARG D 37 10.00 10.05 -1.97
N ASP D 38 9.13 10.94 -1.48
CA ASP D 38 7.79 10.71 -0.95
C ASP D 38 6.77 10.58 -2.04
N LEU D 39 7.24 10.91 -3.19
CA LEU D 39 6.39 10.81 -4.30
C LEU D 39 6.72 9.51 -4.87
N ASP D 40 7.99 9.15 -4.62
CA ASP D 40 8.60 8.00 -5.21
C ASP D 40 8.51 7.99 -6.71
N ILE D 41 9.26 8.95 -7.32
CA ILE D 41 9.29 9.21 -8.74
C ILE D 41 10.68 9.69 -9.23
N LEU D 42 11.11 9.33 -10.47
CA LEU D 42 12.36 9.86 -11.11
C LEU D 42 12.00 10.77 -12.29
N LEU D 43 12.66 11.93 -12.43
CA LEU D 43 12.34 12.85 -13.54
C LEU D 43 13.44 12.86 -14.60
N ASN D 44 13.09 12.82 -15.87
CA ASN D 44 14.13 12.77 -16.88
C ASN D 44 13.86 13.45 -18.22
N CYS D 45 14.99 13.97 -18.80
CA CYS D 45 15.11 14.68 -20.09
C CYS D 45 15.98 13.87 -21.07
N LEU D 46 15.44 13.65 -22.28
CA LEU D 46 16.08 12.89 -23.38
C LEU D 46 16.36 13.83 -24.53
N GLN D 47 17.62 14.15 -24.77
CA GLN D 47 17.96 15.03 -25.88
C GLN D 47 18.74 14.17 -26.86
N MET D 48 18.27 14.07 -28.08
CA MET D 48 18.86 13.14 -29.03
C MET D 48 19.00 13.72 -30.45
N ASN D 49 20.18 13.47 -31.03
CA ASN D 49 20.49 13.88 -32.39
C ASN D 49 19.91 12.88 -33.43
N GLU D 50 19.25 13.47 -34.42
CA GLU D 50 18.65 12.80 -35.53
C GLU D 50 19.47 11.57 -35.99
N GLY D 51 18.98 10.36 -35.73
CA GLY D 51 19.73 9.19 -36.19
C GLY D 51 20.26 8.27 -35.14
N ALA D 52 20.49 8.79 -33.94
CA ALA D 52 20.98 8.01 -32.83
C ALA D 52 19.87 7.08 -32.29
N LEU D 53 20.27 6.04 -31.61
CA LEU D 53 19.31 5.11 -31.12
C LEU D 53 19.73 4.66 -29.77
N PHE D 54 18.83 4.86 -28.80
CA PHE D 54 19.05 4.52 -27.40
C PHE D 54 19.30 3.02 -27.26
N VAL D 55 20.43 2.71 -26.75
CA VAL D 55 20.87 1.37 -26.67
C VAL D 55 19.90 0.45 -25.91
N PRO D 56 19.70 -0.83 -26.40
CA PRO D 56 18.81 -1.79 -25.72
C PRO D 56 19.19 -2.00 -24.27
N HIS D 57 18.19 -1.87 -23.36
CA HIS D 57 18.41 -1.96 -21.94
C HIS D 57 17.12 -2.09 -21.20
N TYR D 58 17.20 -2.02 -19.88
CA TYR D 58 16.01 -2.06 -19.02
C TYR D 58 16.34 -1.39 -17.71
N ASN D 59 15.30 -0.86 -17.02
CA ASN D 59 15.49 -0.30 -15.69
C ASN D 59 15.13 -1.40 -14.70
N SER D 60 15.69 -1.33 -13.53
CA SER D 60 15.47 -2.35 -12.57
C SER D 60 14.08 -2.28 -11.99
N ARG D 61 13.63 -1.08 -11.68
CA ARG D 61 12.36 -1.02 -11.02
C ARG D 61 11.55 0.19 -11.25
N ALA D 62 12.00 1.18 -12.03
CA ALA D 62 11.14 2.33 -12.25
C ALA D 62 10.38 2.17 -13.55
N THR D 63 9.08 2.32 -13.46
CA THR D 63 8.35 2.26 -14.65
C THR D 63 8.42 3.64 -15.21
N VAL D 64 8.78 3.74 -16.47
CA VAL D 64 8.94 5.04 -17.06
C VAL D 64 7.88 5.42 -18.05
N ILE D 65 7.24 6.57 -17.76
CA ILE D 65 6.19 7.06 -18.61
C ILE D 65 6.78 7.98 -19.63
N LEU D 66 7.18 7.39 -20.79
CA LEU D 66 7.79 8.11 -21.93
C LEU D 66 6.88 9.10 -22.64
N VAL D 67 7.00 10.41 -22.34
CA VAL D 67 6.15 11.39 -23.03
C VAL D 67 6.90 12.12 -24.11
N ALA D 68 6.35 12.08 -25.31
CA ALA D 68 6.97 12.82 -26.39
C ALA D 68 6.61 14.33 -26.42
N ASN D 69 7.63 15.09 -26.35
CA ASN D 69 7.53 16.50 -26.33
C ASN D 69 7.85 16.97 -27.72
N GLU D 70 9.10 16.88 -28.12
CA GLU D 70 9.37 17.22 -29.48
C GLU D 70 10.07 16.16 -30.31
N GLY D 71 9.72 16.17 -31.57
CA GLY D 71 10.27 15.28 -32.51
C GLY D 71 9.65 13.92 -32.49
N ARG D 72 10.09 13.11 -33.46
CA ARG D 72 9.71 11.74 -33.68
C ARG D 72 10.73 10.79 -33.06
N ALA D 73 10.17 9.83 -32.37
CA ALA D 73 10.84 8.79 -31.68
C ALA D 73 10.49 7.46 -32.31
N GLU D 74 11.47 6.59 -32.43
CA GLU D 74 11.21 5.26 -32.95
C GLU D 74 11.42 4.27 -31.80
N VAL D 75 10.35 3.65 -31.30
CA VAL D 75 10.51 2.80 -30.13
C VAL D 75 10.26 1.31 -30.26
N GLU D 76 11.19 0.55 -29.75
CA GLU D 76 11.04 -0.90 -29.66
C GLU D 76 11.05 -1.34 -28.18
N LEU D 77 9.93 -1.83 -27.71
CA LEU D 77 9.84 -2.26 -26.35
C LEU D 77 9.45 -3.70 -26.26
N VAL D 78 10.43 -4.55 -25.89
CA VAL D 78 10.25 -6.01 -25.68
C VAL D 78 9.38 -6.39 -24.39
N GLY D 79 8.48 -7.41 -24.52
CA GLY D 79 7.61 -7.78 -23.42
C GLY D 79 6.87 -9.12 -23.60
N LEU D 80 6.13 -9.48 -22.46
CA LEU D 80 5.44 -10.80 -22.03
C LEU D 80 5.14 -10.62 -20.53
N GLU D 81 3.86 -10.20 -20.31
CA GLU D 81 3.19 -9.62 -19.13
C GLU D 81 2.56 -10.44 -17.93
N GLN D 82 1.38 -11.13 -18.14
CA GLN D 82 0.47 -11.88 -17.17
C GLN D 82 0.78 -13.34 -16.74
N GLN D 83 0.81 -13.61 -15.39
CA GLN D 83 1.06 -14.97 -14.85
C GLN D 83 -0.08 -15.93 -14.79
N GLN D 84 -0.60 -16.26 -15.97
CA GLN D 84 -1.68 -17.21 -16.06
C GLN D 84 -1.45 -18.09 -17.26
N GLN D 85 -0.32 -17.80 -17.88
CA GLN D 85 0.11 -18.53 -19.07
C GLN D 85 1.41 -19.25 -18.74
N GLN D 86 1.42 -19.86 -17.55
CA GLN D 86 2.59 -20.57 -17.10
C GLN D 86 2.61 -22.06 -17.29
N GLY D 87 3.87 -22.48 -17.39
CA GLY D 87 4.34 -23.80 -17.68
C GLY D 87 5.44 -23.52 -18.67
N LEU D 88 5.97 -22.28 -18.47
CA LEU D 88 7.06 -21.68 -19.24
C LEU D 88 6.78 -21.15 -20.69
N GLU D 89 6.82 -22.06 -21.66
CA GLU D 89 6.64 -21.57 -23.00
C GLU D 89 5.44 -20.61 -23.21
N SER D 90 4.43 -20.70 -22.35
CA SER D 90 3.23 -19.85 -22.53
C SER D 90 3.43 -18.35 -22.72
N MET D 91 3.45 -17.55 -21.66
CA MET D 91 3.69 -16.11 -21.91
C MET D 91 4.98 -16.07 -22.74
N GLN D 92 4.88 -15.65 -24.02
CA GLN D 92 6.01 -15.71 -25.01
C GLN D 92 6.55 -14.32 -25.30
N LEU D 93 7.38 -14.12 -26.34
CA LEU D 93 7.85 -12.73 -26.64
C LEU D 93 6.91 -11.98 -27.59
N ARG D 94 6.77 -10.63 -27.43
CA ARG D 94 5.94 -9.76 -28.32
C ARG D 94 6.62 -8.45 -28.51
N ARG D 95 7.02 -8.10 -29.72
CA ARG D 95 7.67 -6.81 -29.85
C ARG D 95 6.69 -5.65 -29.89
N TYR D 96 6.91 -4.62 -29.08
CA TYR D 96 6.01 -3.46 -29.12
C TYR D 96 6.76 -2.30 -29.61
N ALA D 97 6.67 -2.07 -30.89
CA ALA D 97 7.33 -0.97 -31.50
C ALA D 97 6.35 0.06 -31.97
N ALA D 98 6.82 1.27 -32.08
CA ALA D 98 6.00 2.33 -32.58
C ALA D 98 6.73 3.65 -32.71
N THR D 99 6.09 4.56 -33.38
CA THR D 99 6.66 5.84 -33.58
C THR D 99 5.91 6.91 -32.92
N LEU D 100 6.57 7.45 -31.94
CA LEU D 100 6.06 8.51 -31.12
C LEU D 100 6.17 9.88 -31.84
N SER D 101 5.13 10.63 -31.82
CA SER D 101 5.19 11.94 -32.37
C SER D 101 4.99 12.94 -31.25
N GLU D 102 4.79 14.16 -31.59
CA GLU D 102 4.60 15.12 -30.54
C GLU D 102 3.38 14.78 -29.70
N GLY D 103 3.61 14.58 -28.40
CA GLY D 103 2.54 14.33 -27.45
C GLY D 103 2.20 12.86 -27.12
N ASP D 104 2.68 11.92 -27.94
CA ASP D 104 2.31 10.61 -27.63
C ASP D 104 3.08 10.18 -26.48
N ILE D 105 2.39 9.36 -25.71
CA ILE D 105 2.86 8.76 -24.51
C ILE D 105 2.95 7.27 -24.73
N ILE D 106 4.10 6.71 -24.33
CA ILE D 106 4.41 5.29 -24.36
C ILE D 106 4.84 4.92 -22.95
N VAL D 107 4.50 3.72 -22.45
CA VAL D 107 4.84 3.35 -21.07
C VAL D 107 5.89 2.23 -20.96
N ILE D 108 7.03 2.48 -20.29
CA ILE D 108 8.11 1.45 -20.20
C ILE D 108 8.14 0.62 -18.91
N PRO D 109 7.47 -0.58 -18.90
CA PRO D 109 7.37 -1.51 -17.74
C PRO D 109 8.68 -1.99 -17.07
N SER D 110 8.60 -2.09 -15.75
CA SER D 110 9.71 -2.39 -14.92
C SER D 110 10.75 -3.27 -15.39
N SER D 111 10.45 -4.31 -16.13
CA SER D 111 11.64 -5.15 -16.45
C SER D 111 12.09 -5.30 -17.88
N PHE D 112 11.15 -4.98 -18.75
CA PHE D 112 11.27 -5.03 -20.15
C PHE D 112 12.38 -4.22 -20.73
N PRO D 113 13.00 -4.83 -21.73
CA PRO D 113 13.99 -4.24 -22.56
C PRO D 113 13.34 -3.23 -23.53
N VAL D 114 14.06 -2.15 -23.78
CA VAL D 114 13.61 -1.13 -24.67
C VAL D 114 14.81 -0.43 -25.37
N ALA D 115 14.61 0.03 -26.59
CA ALA D 115 15.65 0.73 -27.35
C ALA D 115 15.04 1.91 -28.10
N LEU D 116 15.67 3.07 -28.10
CA LEU D 116 15.02 4.19 -28.81
C LEU D 116 15.80 4.75 -30.00
N LYS D 117 15.21 4.68 -31.19
CA LYS D 117 15.86 5.30 -32.31
C LYS D 117 15.26 6.64 -32.53
N ALA D 118 16.14 7.63 -32.76
CA ALA D 118 15.76 9.01 -33.01
C ALA D 118 15.35 9.16 -34.44
N ALA D 119 14.03 9.19 -34.67
CA ALA D 119 13.40 9.32 -35.99
C ALA D 119 13.53 10.71 -36.58
N SER D 120 13.83 11.69 -35.69
CA SER D 120 14.03 13.11 -36.02
C SER D 120 14.21 14.00 -34.80
N ASP D 121 15.24 14.83 -34.80
CA ASP D 121 15.58 15.76 -33.71
C ASP D 121 14.70 15.66 -32.47
N LEU D 122 15.16 14.88 -31.51
CA LEU D 122 14.37 14.53 -30.37
C LEU D 122 14.74 15.15 -29.00
N ASN D 123 13.67 15.20 -28.19
CA ASN D 123 13.57 15.61 -26.80
C ASN D 123 12.43 14.83 -26.20
N MET D 124 12.69 14.08 -25.11
CA MET D 124 11.66 13.26 -24.47
C MET D 124 11.72 13.36 -23.00
N VAL D 125 10.57 13.52 -22.37
CA VAL D 125 10.50 13.59 -20.94
C VAL D 125 10.01 12.28 -20.35
N GLY D 126 10.65 11.87 -19.26
CA GLY D 126 10.32 10.62 -18.60
C GLY D 126 10.02 10.77 -17.12
N ILE D 127 8.81 10.33 -16.77
CA ILE D 127 8.34 10.28 -15.42
C ILE D 127 8.52 8.85 -15.00
N GLY D 128 8.94 8.61 -13.81
CA GLY D 128 9.09 7.21 -13.43
C GLY D 128 8.62 6.91 -12.02
N VAL D 129 7.60 6.01 -11.92
CA VAL D 129 7.07 5.52 -10.63
C VAL D 129 8.00 4.40 -10.13
N ASN D 130 8.19 4.31 -8.80
CA ASN D 130 9.09 3.30 -8.20
C ASN D 130 10.55 3.51 -8.57
N ALA D 131 11.19 4.51 -8.00
CA ALA D 131 12.52 4.86 -8.38
C ALA D 131 13.63 4.56 -7.42
N GLU D 132 13.27 4.37 -6.20
CA GLU D 132 14.27 4.18 -5.25
C GLU D 132 15.04 2.96 -5.52
N ASN D 133 16.38 3.16 -5.62
CA ASN D 133 17.40 2.12 -5.81
C ASN D 133 17.49 1.51 -7.22
N ASN D 134 16.68 2.08 -8.14
CA ASN D 134 16.54 1.69 -9.55
C ASN D 134 17.77 2.00 -10.34
N GLU D 135 18.10 1.09 -11.27
CA GLU D 135 19.24 1.15 -12.14
C GLU D 135 18.95 0.72 -13.57
N ARG D 136 19.76 1.19 -14.48
CA ARG D 136 19.69 0.76 -15.84
C ARG D 136 20.85 -0.16 -15.98
N ASN D 137 20.71 -1.12 -16.85
CA ASN D 137 21.79 -2.01 -17.12
C ASN D 137 21.62 -2.30 -18.53
N PHE D 138 22.64 -1.88 -19.33
CA PHE D 138 22.66 -1.97 -20.80
C PHE D 138 22.99 -3.35 -21.43
N LEU D 139 22.06 -3.81 -22.32
CA LEU D 139 22.14 -5.11 -23.05
C LEU D 139 23.00 -4.95 -24.25
N ALA D 140 23.30 -3.69 -24.56
CA ALA D 140 24.10 -3.36 -25.69
C ALA D 140 25.13 -2.36 -25.31
N GLY D 141 25.62 -1.66 -26.26
CA GLY D 141 26.61 -0.69 -25.97
C GLY D 141 27.91 -1.33 -25.66
N HIS D 142 28.62 -0.64 -24.78
CA HIS D 142 29.96 -0.95 -24.29
C HIS D 142 30.06 -0.61 -22.80
N LYS D 143 29.24 0.36 -22.36
CA LYS D 143 29.22 0.77 -20.95
C LYS D 143 28.01 0.16 -20.18
N GLU D 144 28.29 -0.19 -18.93
CA GLU D 144 27.40 -0.83 -18.04
C GLU D 144 26.58 -1.83 -18.72
N ASN D 145 27.25 -2.50 -19.67
CA ASN D 145 26.74 -3.62 -20.42
C ASN D 145 26.87 -4.80 -19.51
N VAL D 146 25.77 -5.41 -19.10
CA VAL D 146 25.95 -6.54 -18.24
C VAL D 146 26.61 -7.72 -18.93
N ILE D 147 25.99 -8.26 -20.00
CA ILE D 147 26.53 -9.41 -20.75
C ILE D 147 28.02 -9.37 -20.99
N ARG D 148 28.62 -8.28 -20.62
CA ARG D 148 30.00 -8.09 -20.70
C ARG D 148 30.66 -8.53 -19.40
N GLN D 149 29.86 -8.88 -18.39
CA GLN D 149 30.45 -9.36 -17.15
C GLN D 149 30.02 -10.75 -16.76
N ILE D 150 29.57 -11.44 -17.77
CA ILE D 150 29.16 -12.81 -17.73
C ILE D 150 30.38 -13.57 -18.21
N PRO D 151 30.97 -14.43 -17.41
CA PRO D 151 32.18 -15.07 -17.83
C PRO D 151 32.24 -16.06 -19.03
N ARG D 152 33.47 -16.13 -19.56
CA ARG D 152 33.80 -16.93 -20.71
C ARG D 152 33.07 -18.28 -20.73
N GLN D 153 33.33 -19.10 -19.72
CA GLN D 153 32.65 -20.35 -19.73
C GLN D 153 31.25 -20.37 -19.24
N VAL D 154 30.81 -19.14 -18.96
CA VAL D 154 29.46 -18.91 -18.60
C VAL D 154 28.79 -18.64 -19.95
N SER D 155 29.33 -17.56 -20.61
CA SER D 155 28.86 -17.13 -21.91
C SER D 155 28.72 -18.31 -22.82
N ASP D 156 29.89 -18.90 -23.21
CA ASP D 156 29.95 -20.06 -24.13
C ASP D 156 28.81 -21.14 -24.05
N LEU D 157 28.25 -21.31 -22.87
CA LEU D 157 27.18 -22.25 -22.65
C LEU D 157 25.88 -21.57 -22.77
N THR D 158 25.91 -20.27 -22.41
CA THR D 158 24.75 -19.42 -22.45
C THR D 158 24.36 -19.10 -23.86
N PHE D 159 25.41 -18.90 -24.73
CA PHE D 159 25.27 -18.44 -26.15
C PHE D 159 25.78 -19.32 -27.29
N PRO D 160 25.01 -19.32 -28.45
CA PRO D 160 25.49 -20.01 -29.61
C PRO D 160 26.76 -19.26 -29.92
N GLY D 161 27.84 -19.98 -30.22
CA GLY D 161 29.09 -19.33 -30.48
C GLY D 161 29.95 -19.25 -29.22
N SER D 162 31.26 -19.23 -29.49
CA SER D 162 32.42 -19.22 -28.61
C SER D 162 32.42 -18.16 -27.55
N GLY D 163 33.15 -18.41 -26.44
CA GLY D 163 33.33 -17.43 -25.37
C GLY D 163 34.00 -16.17 -25.96
N GLU D 164 35.13 -16.39 -26.60
CA GLU D 164 35.85 -15.34 -27.29
C GLU D 164 34.89 -14.72 -28.32
N GLU D 165 34.04 -15.57 -28.87
CA GLU D 165 33.16 -15.15 -29.89
C GLU D 165 32.22 -14.10 -29.39
N VAL D 166 31.37 -14.50 -28.45
CA VAL D 166 30.48 -13.62 -27.74
C VAL D 166 31.23 -12.39 -27.25
N GLU D 167 32.38 -12.71 -26.61
CA GLU D 167 33.32 -11.79 -26.05
C GLU D 167 33.71 -10.70 -27.01
N GLU D 168 33.50 -10.93 -28.27
CA GLU D 168 33.87 -9.91 -29.20
C GLU D 168 32.69 -9.16 -29.77
N LEU D 169 31.65 -9.88 -30.12
CA LEU D 169 30.46 -9.24 -30.60
C LEU D 169 30.04 -8.00 -29.72
N LEU D 170 30.71 -7.91 -28.57
CA LEU D 170 30.54 -6.91 -27.57
C LEU D 170 31.65 -5.89 -27.58
N GLU D 171 32.71 -6.22 -28.32
CA GLU D 171 33.87 -5.31 -28.43
C GLU D 171 33.64 -4.37 -29.60
N ASN D 172 32.84 -4.82 -30.53
CA ASN D 172 32.51 -4.09 -31.72
C ASN D 172 31.93 -2.68 -31.67
N GLN D 173 31.34 -2.34 -30.51
CA GLN D 173 30.76 -1.01 -30.33
C GLN D 173 31.71 -0.17 -29.57
N LYS D 174 32.37 0.72 -30.21
CA LYS D 174 33.28 1.52 -29.46
C LYS D 174 32.52 2.51 -28.61
N GLU D 175 31.21 2.33 -28.49
CA GLU D 175 30.42 3.26 -27.67
C GLU D 175 29.41 2.68 -26.73
N SER D 176 29.09 3.59 -25.84
CA SER D 176 28.29 3.34 -24.72
C SER D 176 26.78 3.51 -24.66
N TYR D 177 26.19 4.65 -24.98
CA TYR D 177 24.79 4.56 -24.71
C TYR D 177 23.87 4.88 -25.80
N PHE D 178 24.30 5.85 -26.56
CA PHE D 178 23.56 6.26 -27.70
C PHE D 178 24.47 5.89 -28.82
N VAL D 179 23.97 5.29 -29.90
CA VAL D 179 24.90 4.97 -30.96
C VAL D 179 24.53 5.58 -32.27
N ASP D 180 24.82 4.88 -33.30
CA ASP D 180 24.42 5.42 -34.53
C ASP D 180 23.39 4.52 -35.09
N GLY D 181 22.21 5.07 -35.14
CA GLY D 181 21.09 4.38 -35.64
C GLY D 181 21.02 4.37 -37.15
N GLN D 182 22.14 4.23 -37.85
CA GLN D 182 21.94 4.11 -39.28
C GLN D 182 21.50 2.65 -39.52
N PRO D 183 20.73 2.42 -40.58
CA PRO D 183 20.17 1.10 -40.91
C PRO D 183 21.08 0.05 -41.54
N ARG D 184 20.33 -0.99 -41.96
CA ARG D 184 20.80 -2.18 -42.70
C ARG D 184 19.76 -2.59 -43.75
N ALA E 1 -29.21 -2.30 4.94
CA ALA E 1 -29.06 -1.77 3.58
C ALA E 1 -29.44 -2.75 2.49
N GLN E 2 -28.50 -2.87 1.57
CA GLN E 2 -28.55 -3.66 0.37
C GLN E 2 -27.94 -2.79 -0.73
N ASN E 3 -28.65 -1.69 -1.10
CA ASN E 3 -28.06 -0.84 -2.10
C ASN E 3 -28.37 0.64 -2.16
N ASN E 4 -27.29 1.40 -1.89
CA ASN E 4 -27.33 2.83 -1.99
C ASN E 4 -25.97 3.42 -2.29
N PRO E 5 -25.71 3.60 -3.60
CA PRO E 5 -24.53 4.22 -4.09
C PRO E 5 -24.77 5.71 -4.20
N TYR E 6 -23.68 6.42 -3.79
CA TYR E 6 -23.53 7.85 -3.73
C TYR E 6 -23.46 8.33 -2.23
N LEU E 7 -23.79 7.45 -1.31
CA LEU E 7 -23.84 7.84 0.11
C LEU E 7 -22.72 7.80 1.05
N PHE E 8 -22.73 8.86 1.82
CA PHE E 8 -21.81 9.16 2.85
C PHE E 8 -22.41 8.93 4.20
N ARG E 9 -23.74 9.28 4.30
CA ARG E 9 -24.61 9.12 5.48
C ARG E 9 -24.67 7.64 5.82
N SER E 10 -23.95 7.28 6.84
CA SER E 10 -24.00 5.96 7.30
C SER E 10 -24.73 6.12 8.61
N ASN E 11 -25.73 5.33 8.91
CA ASN E 11 -26.44 5.48 10.18
C ASN E 11 -26.98 4.14 10.75
N LYS E 12 -26.66 2.99 9.99
CA LYS E 12 -27.07 1.57 10.25
C LYS E 12 -25.95 0.49 10.40
N PHE E 13 -25.85 0.01 11.65
CA PHE E 13 -24.91 -1.01 12.06
C PHE E 13 -25.43 -2.45 11.94
N LEU E 14 -24.78 -3.30 12.78
CA LEU E 14 -24.92 -4.76 12.94
C LEU E 14 -24.63 -5.18 14.39
N THR E 15 -25.57 -5.80 15.09
CA THR E 15 -25.31 -6.30 16.45
C THR E 15 -24.58 -7.64 16.37
N LEU E 16 -23.46 -7.80 17.08
CA LEU E 16 -22.74 -9.11 17.11
C LEU E 16 -23.11 -9.78 18.39
N PHE E 17 -23.29 -8.92 19.41
CA PHE E 17 -23.76 -9.34 20.70
C PHE E 17 -24.76 -8.39 21.33
N LYS E 18 -25.74 -8.98 21.99
CA LYS E 18 -26.79 -8.30 22.71
C LYS E 18 -27.31 -9.10 23.89
N ASN E 19 -27.32 -8.45 25.03
CA ASN E 19 -27.82 -9.07 26.24
C ASN E 19 -28.16 -7.95 27.21
N GLN E 20 -29.11 -8.18 28.18
CA GLN E 20 -29.55 -7.22 29.18
C GLN E 20 -28.40 -6.96 30.12
N HIS E 21 -27.30 -6.34 29.61
CA HIS E 21 -26.04 -6.04 30.34
C HIS E 21 -25.16 -5.22 29.44
N GLY E 22 -25.22 -5.50 28.15
CA GLY E 22 -24.38 -4.77 27.21
C GLY E 22 -24.62 -5.11 25.70
N SER E 23 -23.95 -4.32 24.85
CA SER E 23 -24.06 -4.44 23.40
C SER E 23 -22.74 -4.34 22.70
N LEU E 24 -22.59 -5.13 21.61
CA LEU E 24 -21.46 -5.07 20.72
C LEU E 24 -21.83 -4.94 19.22
N ARG E 25 -21.69 -3.72 18.71
CA ARG E 25 -22.06 -3.45 17.35
C ARG E 25 -20.99 -2.93 16.38
N LEU E 26 -20.92 -3.65 15.22
CA LEU E 26 -20.09 -3.45 14.02
C LEU E 26 -20.89 -2.76 12.95
N LEU E 27 -20.25 -1.83 12.22
CA LEU E 27 -20.87 -1.09 11.15
C LEU E 27 -20.47 -1.62 9.77
N GLN E 28 -21.43 -1.41 8.84
CA GLN E 28 -21.38 -1.71 7.45
C GLN E 28 -19.98 -1.36 6.88
N ARG E 29 -19.45 -2.13 5.96
CA ARG E 29 -18.16 -1.77 5.44
C ARG E 29 -18.36 -0.43 4.76
N PHE E 30 -17.39 0.52 4.86
CA PHE E 30 -17.61 1.88 4.26
C PHE E 30 -17.81 1.87 2.78
N ASN E 31 -17.61 0.71 2.17
CA ASN E 31 -17.74 0.53 0.76
C ASN E 31 -18.66 -0.62 0.54
N GLU E 32 -19.70 -0.62 1.29
CA GLU E 32 -20.56 -1.67 1.07
C GLU E 32 -21.33 -1.30 -0.16
N ASP E 33 -22.13 -0.28 -0.07
CA ASP E 33 -22.97 0.06 -1.20
C ASP E 33 -22.26 0.75 -2.30
N THR E 34 -21.32 1.54 -1.94
CA THR E 34 -20.62 2.43 -2.85
C THR E 34 -19.12 2.18 -3.20
N GLU E 35 -18.75 2.50 -4.44
CA GLU E 35 -17.35 2.37 -4.87
C GLU E 35 -16.61 3.62 -4.46
N LYS E 36 -17.41 4.62 -4.10
CA LYS E 36 -16.91 5.91 -3.70
C LYS E 36 -16.13 5.91 -2.37
N LEU E 37 -15.98 4.77 -1.74
CA LEU E 37 -15.27 4.85 -0.53
C LEU E 37 -14.11 3.93 -0.44
N GLU E 38 -13.63 3.55 -1.59
CA GLU E 38 -12.48 2.67 -1.72
C GLU E 38 -11.42 2.84 -0.68
N ASN E 39 -11.13 4.10 -0.33
CA ASN E 39 -10.12 4.44 0.67
C ASN E 39 -10.38 3.96 2.02
N LEU E 40 -11.55 4.20 2.52
CA LEU E 40 -11.88 3.76 3.89
C LEU E 40 -12.07 2.30 3.93
N ARG E 41 -11.62 1.60 2.88
CA ARG E 41 -11.79 0.14 2.73
C ARG E 41 -11.29 -0.85 3.77
N ASP E 42 -10.16 -0.50 4.44
CA ASP E 42 -9.47 -1.29 5.51
C ASP E 42 -9.98 -1.05 6.93
N TYR E 43 -10.86 -0.06 7.08
CA TYR E 43 -11.35 0.33 8.38
C TYR E 43 -12.78 -0.09 8.68
N ARG E 44 -12.98 -0.72 9.82
CA ARG E 44 -14.28 -1.06 10.34
C ARG E 44 -14.48 -0.25 11.59
N VAL E 45 -15.74 0.08 11.93
CA VAL E 45 -16.08 0.81 13.17
C VAL E 45 -17.07 0.10 14.09
N LEU E 46 -16.63 -0.14 15.31
CA LEU E 46 -17.46 -0.78 16.28
C LEU E 46 -17.87 0.12 17.45
N GLU E 47 -18.85 -0.39 18.12
CA GLU E 47 -19.45 0.26 19.21
C GLU E 47 -19.69 -0.72 20.36
N TYR E 48 -19.31 -0.33 21.59
CA TYR E 48 -19.52 -1.22 22.73
C TYR E 48 -20.24 -0.55 23.88
N CYS E 49 -21.46 -1.05 24.20
CA CYS E 49 -22.24 -0.53 25.34
C CYS E 49 -22.33 -1.54 26.42
N SER E 50 -22.10 -1.10 27.68
CA SER E 50 -22.20 -1.98 28.81
C SER E 50 -22.85 -1.30 30.00
N LYS E 51 -23.76 -2.04 30.63
CA LYS E 51 -24.43 -1.59 31.81
C LYS E 51 -23.41 -1.52 32.94
N PRO E 52 -23.82 -1.00 34.09
CA PRO E 52 -22.95 -0.84 35.23
C PRO E 52 -22.47 -2.15 35.87
N ASN E 53 -21.20 -2.20 36.20
CA ASN E 53 -20.66 -3.34 36.85
C ASN E 53 -20.66 -4.61 35.98
N THR E 54 -20.10 -4.48 34.76
CA THR E 54 -20.00 -5.62 33.83
C THR E 54 -18.57 -5.88 33.36
N LEU E 55 -18.27 -7.14 32.94
CA LEU E 55 -16.94 -7.55 32.47
C LEU E 55 -17.03 -8.10 31.06
N LEU E 56 -16.08 -7.67 30.18
CA LEU E 56 -16.00 -8.07 28.78
C LEU E 56 -14.89 -9.13 28.59
N LEU E 57 -15.29 -10.39 28.74
CA LEU E 57 -14.35 -11.49 28.71
C LEU E 57 -13.14 -11.41 27.78
N PRO E 58 -12.01 -11.88 28.33
CA PRO E 58 -10.75 -11.86 27.65
C PRO E 58 -10.88 -12.38 26.29
N HIS E 59 -10.12 -11.78 25.41
CA HIS E 59 -10.06 -12.16 24.04
C HIS E 59 -9.14 -11.26 23.31
N HIS E 60 -8.68 -11.70 22.18
CA HIS E 60 -7.76 -10.92 21.36
C HIS E 60 -8.35 -10.59 19.99
N SER E 61 -7.88 -9.49 19.38
CA SER E 61 -8.36 -9.09 18.07
C SER E 61 -7.40 -9.42 16.96
N ASP E 62 -7.89 -9.96 15.88
CA ASP E 62 -6.99 -10.22 14.79
C ASP E 62 -6.34 -8.94 14.25
N SER E 63 -6.95 -7.77 14.56
CA SER E 63 -6.50 -6.43 14.08
C SER E 63 -6.28 -5.33 15.14
N ASP E 64 -5.65 -4.21 14.73
CA ASP E 64 -5.40 -3.07 15.60
C ASP E 64 -6.62 -2.31 15.73
N LEU E 65 -6.85 -1.89 16.93
CA LEU E 65 -8.00 -1.09 17.21
C LEU E 65 -7.64 0.21 17.88
N LEU E 66 -8.33 1.25 17.50
CA LEU E 66 -8.20 2.48 18.20
C LEU E 66 -9.43 2.53 19.18
N VAL E 67 -9.22 2.56 20.52
CA VAL E 67 -10.34 2.58 21.50
C VAL E 67 -10.50 3.93 22.24
N LEU E 68 -11.71 4.44 22.25
CA LEU E 68 -11.94 5.75 22.81
C LEU E 68 -13.28 5.91 23.50
N VAL E 69 -13.21 6.20 24.81
CA VAL E 69 -14.41 6.37 25.66
C VAL E 69 -15.29 7.56 25.37
N LEU E 70 -16.55 7.26 25.05
CA LEU E 70 -17.61 8.26 24.87
C LEU E 70 -18.41 8.51 26.21
N GLU E 71 -18.82 7.51 26.91
CA GLU E 71 -19.53 7.84 28.12
C GLU E 71 -19.11 6.87 29.15
N GLY E 72 -18.77 7.38 30.34
CA GLY E 72 -18.34 6.51 31.44
C GLY E 72 -16.85 6.63 31.83
N GLN E 73 -16.27 5.50 32.16
CA GLN E 73 -14.88 5.43 32.57
C GLN E 73 -14.51 3.99 32.70
N ALA E 74 -13.27 3.63 32.52
CA ALA E 74 -13.17 2.22 32.59
C ALA E 74 -11.87 1.65 32.98
N ILE E 75 -11.93 0.30 32.99
CA ILE E 75 -10.82 -0.54 33.30
C ILE E 75 -10.58 -1.50 32.18
N LEU E 76 -9.32 -1.46 31.76
CA LEU E 76 -8.78 -2.15 30.66
C LEU E 76 -7.48 -2.75 31.14
N VAL E 77 -7.41 -4.04 30.97
CA VAL E 77 -6.27 -4.85 31.32
C VAL E 77 -5.75 -5.47 30.03
N LEU E 78 -4.47 -5.22 29.69
CA LEU E 78 -3.87 -5.79 28.50
C LEU E 78 -2.95 -6.95 28.90
N VAL E 79 -3.36 -8.19 28.60
CA VAL E 79 -2.57 -9.37 28.93
C VAL E 79 -1.29 -9.48 28.13
N ASN E 80 -0.20 -9.60 28.78
CA ASN E 80 0.97 -9.75 27.99
C ASN E 80 1.53 -11.10 28.22
N PRO E 81 2.50 -11.57 27.44
CA PRO E 81 2.96 -12.86 27.78
C PRO E 81 3.78 -12.72 29.02
N ASP E 82 3.98 -11.44 29.44
CA ASP E 82 4.79 -11.13 30.62
C ASP E 82 3.99 -10.98 31.89
N GLY E 83 2.86 -10.28 31.77
CA GLY E 83 1.93 -10.03 32.87
C GLY E 83 0.73 -9.29 32.34
N ARG E 84 0.18 -8.46 33.12
CA ARG E 84 -0.93 -7.71 32.63
C ARG E 84 -0.67 -6.22 32.82
N ASP E 85 -1.35 -5.40 32.03
CA ASP E 85 -1.32 -3.95 32.16
C ASP E 85 -2.73 -3.47 32.23
N THR E 86 -3.02 -2.76 33.26
CA THR E 86 -4.36 -2.27 33.56
C THR E 86 -4.41 -0.72 33.50
N TYR E 87 -5.40 -0.15 32.78
CA TYR E 87 -5.56 1.32 32.69
C TYR E 87 -6.96 1.76 32.96
N LYS E 88 -7.07 2.90 33.59
CA LYS E 88 -8.37 3.46 33.84
C LYS E 88 -8.59 4.65 32.94
N LEU E 89 -9.65 4.58 32.07
CA LEU E 89 -10.02 5.60 31.07
C LEU E 89 -11.30 6.38 31.41
N ASP E 90 -11.29 7.73 31.18
CA ASP E 90 -12.46 8.60 31.41
C ASP E 90 -12.96 9.22 30.11
N GLN E 91 -13.88 10.20 30.16
CA GLN E 91 -14.33 10.72 28.88
C GLN E 91 -13.16 11.24 28.08
N GLY E 92 -13.07 10.78 26.82
CA GLY E 92 -12.03 11.24 25.89
C GLY E 92 -10.74 10.45 25.88
N ASP E 93 -10.53 9.65 26.89
CA ASP E 93 -9.35 8.87 26.90
C ASP E 93 -9.39 7.96 25.69
N ALA E 94 -8.22 7.57 25.29
CA ALA E 94 -8.08 6.73 24.16
C ALA E 94 -6.77 6.16 24.21
N ILE E 95 -6.67 4.99 23.69
CA ILE E 95 -5.45 4.28 23.64
C ILE E 95 -5.55 3.40 22.47
N LYS E 96 -4.41 2.83 22.09
CA LYS E 96 -4.34 1.93 20.97
C LYS E 96 -4.15 0.53 21.50
N ILE E 97 -4.80 -0.43 20.87
CA ILE E 97 -4.76 -1.86 21.20
C ILE E 97 -4.29 -2.70 19.97
N GLN E 98 -2.99 -2.91 19.88
CA GLN E 98 -2.41 -3.66 18.77
C GLN E 98 -3.09 -5.04 18.65
N ALA E 99 -2.98 -5.69 17.50
CA ALA E 99 -3.56 -7.03 17.32
C ALA E 99 -2.82 -8.15 18.12
N GLY E 100 -3.51 -9.18 18.50
CA GLY E 100 -2.81 -10.23 19.20
C GLY E 100 -2.83 -10.10 20.70
N THR E 101 -3.06 -8.88 21.20
CA THR E 101 -3.11 -8.58 22.62
C THR E 101 -4.48 -8.91 23.14
N PRO E 102 -4.55 -9.77 24.16
CA PRO E 102 -5.77 -10.12 24.76
C PRO E 102 -6.11 -9.10 25.74
N PHE E 103 -7.39 -8.81 25.90
CA PHE E 103 -7.73 -7.76 26.80
C PHE E 103 -9.13 -7.87 27.19
N TYR E 104 -9.49 -7.27 28.34
CA TYR E 104 -10.82 -7.21 28.90
C TYR E 104 -11.15 -5.80 29.41
N LEU E 105 -12.43 -5.43 29.39
CA LEU E 105 -12.91 -4.13 29.83
C LEU E 105 -13.89 -4.27 30.93
N ILE E 106 -13.67 -3.58 32.04
CA ILE E 106 -14.59 -3.60 33.15
C ILE E 106 -15.27 -2.24 33.28
N ASN E 107 -16.51 -2.28 33.83
CA ASN E 107 -17.33 -1.13 34.18
C ASN E 107 -17.59 -1.27 35.66
N PRO E 108 -16.98 -0.37 36.39
CA PRO E 108 -16.95 -0.36 37.84
C PRO E 108 -18.18 0.09 38.61
N ASP E 109 -18.08 -0.26 39.94
CA ASP E 109 -18.97 -0.05 41.11
C ASP E 109 -20.19 0.80 40.95
N ASN E 110 -20.28 1.47 39.81
CA ASN E 110 -21.27 2.48 39.62
C ASN E 110 -22.30 2.29 38.53
N ASN E 111 -23.43 2.93 38.88
CA ASN E 111 -24.67 3.21 38.15
C ASN E 111 -24.40 3.78 36.75
N GLN E 112 -23.12 4.07 36.49
CA GLN E 112 -22.77 4.66 35.23
C GLN E 112 -22.64 3.70 34.04
N ASN E 113 -23.36 4.02 32.94
CA ASN E 113 -23.33 3.19 31.74
C ASN E 113 -22.05 3.41 30.98
N LEU E 114 -21.66 2.44 30.16
CA LEU E 114 -20.40 2.58 29.43
C LEU E 114 -20.55 2.73 27.91
N ARG E 115 -19.84 3.70 27.33
CA ARG E 115 -19.87 3.89 25.86
C ARG E 115 -18.50 3.98 25.33
N ILE E 116 -18.20 2.98 24.50
CA ILE E 116 -16.90 2.85 23.92
C ILE E 116 -16.94 2.77 22.40
N LEU E 117 -16.19 3.69 21.76
CA LEU E 117 -16.05 3.76 20.31
C LEU E 117 -14.80 3.00 19.91
N LYS E 118 -14.94 1.86 19.22
CA LYS E 118 -13.77 1.01 18.90
C LYS E 118 -13.35 1.04 17.45
N PHE E 119 -12.53 2.03 16.97
CA PHE E 119 -12.01 2.08 15.55
C PHE E 119 -11.03 0.91 15.18
N ALA E 120 -11.50 -0.11 14.38
CA ALA E 120 -10.61 -1.24 14.05
C ALA E 120 -9.79 -1.08 12.78
N ILE E 121 -8.51 -1.39 12.86
CA ILE E 121 -7.64 -1.21 11.75
C ILE E 121 -7.09 -2.49 11.12
N THR E 122 -7.87 -3.04 10.22
CA THR E 122 -7.59 -4.27 9.53
C THR E 122 -6.31 -4.30 8.75
N PHE E 123 -5.68 -5.50 8.71
CA PHE E 123 -4.47 -5.72 7.91
C PHE E 123 -4.36 -7.12 7.32
N ARG E 124 -4.81 -8.11 8.08
CA ARG E 124 -4.71 -9.51 7.70
C ARG E 124 -5.75 -9.92 6.78
N ARG E 125 -6.94 -9.46 7.05
CA ARG E 125 -8.12 -9.70 6.20
C ARG E 125 -8.76 -8.36 6.02
N PRO E 126 -8.73 -7.85 4.84
CA PRO E 126 -9.20 -6.54 4.63
C PRO E 126 -10.67 -6.26 4.73
N GLY E 127 -10.96 -5.41 5.75
CA GLY E 127 -12.29 -4.99 6.10
C GLY E 127 -12.77 -5.98 7.13
N THR E 128 -11.92 -6.91 7.40
CA THR E 128 -12.34 -7.87 8.32
C THR E 128 -11.65 -7.80 9.61
N VAL E 129 -12.47 -7.74 10.66
CA VAL E 129 -12.07 -7.74 12.03
C VAL E 129 -12.66 -8.99 12.70
N GLU E 130 -11.79 -9.84 13.16
CA GLU E 130 -12.11 -11.06 13.81
C GLU E 130 -11.85 -10.90 15.31
N ASP E 131 -12.55 -11.73 16.08
CA ASP E 131 -12.53 -11.79 17.54
C ASP E 131 -12.31 -13.22 18.07
N PHE E 132 -11.38 -13.37 19.00
CA PHE E 132 -10.99 -14.65 19.54
C PHE E 132 -11.06 -14.67 21.04
N PHE E 133 -12.20 -15.19 21.53
CA PHE E 133 -12.55 -15.28 22.95
C PHE E 133 -12.24 -16.65 23.52
N LEU E 134 -11.60 -16.65 24.67
CA LEU E 134 -11.19 -17.80 25.43
C LEU E 134 -12.35 -18.60 26.09
N SER E 135 -13.45 -17.92 26.48
CA SER E 135 -14.58 -18.53 27.19
C SER E 135 -15.68 -19.25 26.39
N SER E 136 -16.32 -20.21 27.02
CA SER E 136 -17.39 -20.86 26.34
C SER E 136 -18.70 -20.13 26.32
N THR E 137 -19.35 -20.24 25.18
CA THR E 137 -20.57 -19.53 24.92
C THR E 137 -21.58 -20.39 24.18
N LYS E 138 -22.83 -20.16 24.51
CA LYS E 138 -23.92 -20.80 23.83
C LYS E 138 -24.10 -20.09 22.46
N ARG E 139 -23.03 -19.36 22.11
CA ARG E 139 -22.85 -18.46 21.00
C ARG E 139 -21.67 -18.81 20.10
N LEU E 140 -20.65 -19.50 20.70
CA LEU E 140 -19.42 -20.02 20.09
C LEU E 140 -18.57 -20.71 21.16
N PRO E 141 -18.02 -21.85 20.89
CA PRO E 141 -17.27 -22.46 21.93
C PRO E 141 -15.96 -21.74 21.97
N SER E 142 -15.06 -22.13 22.87
CA SER E 142 -13.82 -21.45 22.95
C SER E 142 -12.76 -22.13 22.15
N TYR E 143 -12.18 -21.38 21.21
CA TYR E 143 -11.17 -21.87 20.29
C TYR E 143 -10.23 -22.92 20.82
N LEU E 144 -10.10 -22.98 22.15
CA LEU E 144 -9.26 -23.98 22.78
C LEU E 144 -9.87 -25.39 22.58
N SER E 145 -11.11 -25.39 22.14
CA SER E 145 -11.86 -26.60 21.91
C SER E 145 -11.61 -27.22 20.53
N ALA E 146 -10.99 -26.49 19.61
CA ALA E 146 -10.82 -27.05 18.30
C ALA E 146 -9.72 -28.07 18.15
N PHE E 147 -8.81 -28.02 19.08
CA PHE E 147 -7.70 -28.89 19.09
C PHE E 147 -8.06 -30.31 19.39
N SER E 148 -7.18 -31.24 18.97
CA SER E 148 -7.39 -32.67 19.23
C SER E 148 -7.39 -32.94 20.69
N LYS E 149 -7.78 -34.11 21.10
CA LYS E 149 -7.75 -34.43 22.52
C LYS E 149 -6.29 -34.62 22.87
N ASN E 150 -5.55 -35.28 21.98
CA ASN E 150 -4.11 -35.43 22.25
C ASN E 150 -3.37 -34.12 22.35
N PHE E 151 -3.42 -33.29 21.26
CA PHE E 151 -2.76 -31.99 21.24
C PHE E 151 -3.09 -31.17 22.51
N LEU E 152 -4.35 -31.22 22.89
CA LEU E 152 -4.78 -30.53 24.08
C LEU E 152 -4.04 -31.07 25.30
N GLU E 153 -4.34 -32.33 25.63
CA GLU E 153 -3.78 -33.07 26.76
C GLU E 153 -2.27 -32.99 26.90
N ALA E 154 -1.53 -32.96 25.77
CA ALA E 154 -0.05 -32.91 25.74
C ALA E 154 0.45 -31.56 26.17
N SER E 155 -0.14 -30.53 25.56
CA SER E 155 0.25 -29.18 25.89
C SER E 155 0.06 -29.02 27.36
N TYR E 156 -1.16 -29.25 27.71
CA TYR E 156 -1.57 -29.01 29.04
C TYR E 156 -0.87 -29.76 30.17
N ASP E 157 -0.70 -31.08 29.99
CA ASP E 157 -0.11 -32.05 30.92
C ASP E 157 -1.12 -32.45 31.97
N SER E 158 -2.32 -32.52 31.47
CA SER E 158 -3.44 -32.86 32.25
C SER E 158 -4.42 -33.69 31.43
N PRO E 159 -5.01 -34.72 32.01
CA PRO E 159 -5.90 -35.58 31.26
C PRO E 159 -7.06 -34.81 30.73
N TYR E 160 -7.63 -35.34 29.64
CA TYR E 160 -8.76 -34.71 28.98
C TYR E 160 -9.85 -34.10 29.83
N ASP E 161 -10.64 -34.93 30.51
CA ASP E 161 -11.68 -34.37 31.36
C ASP E 161 -11.18 -33.51 32.57
N GLU E 162 -9.88 -33.33 32.75
CA GLU E 162 -9.45 -32.41 33.76
C GLU E 162 -9.47 -31.03 33.08
N ILE E 163 -9.01 -31.03 31.79
CA ILE E 163 -8.97 -29.89 30.84
C ILE E 163 -10.41 -29.37 30.52
N GLU E 164 -11.33 -30.29 30.25
CA GLU E 164 -12.73 -29.91 29.95
C GLU E 164 -13.39 -29.01 31.04
N GLN E 165 -12.57 -28.63 32.04
CA GLN E 165 -12.93 -27.74 33.14
C GLN E 165 -11.92 -26.57 33.32
N THR E 166 -11.92 -25.75 32.20
CA THR E 166 -11.34 -24.47 31.68
C THR E 166 -12.01 -24.43 30.31
N LEU E 167 -11.84 -25.57 29.66
CA LEU E 167 -12.40 -25.85 28.37
C LEU E 167 -13.83 -25.35 28.27
N LEU E 168 -14.80 -26.26 28.23
CA LEU E 168 -16.19 -25.83 28.04
C LEU E 168 -17.17 -25.75 29.24
N GLN E 169 -17.97 -24.67 29.27
CA GLN E 169 -19.03 -24.41 30.25
C GLN E 169 -20.31 -24.43 29.52
N GLU E 170 -21.16 -23.73 30.23
CA GLU E 170 -22.44 -23.16 30.02
C GLU E 170 -22.20 -21.76 30.59
N GLU E 171 -21.15 -21.05 30.07
CA GLU E 171 -20.92 -19.71 30.61
C GLU E 171 -22.17 -18.91 30.37
N GLN E 172 -23.01 -18.97 31.43
CA GLN E 172 -24.34 -18.36 31.51
C GLN E 172 -24.43 -17.19 30.57
N GLU E 173 -24.12 -16.05 31.17
CA GLU E 173 -24.01 -14.86 30.45
C GLU E 173 -22.98 -15.16 29.41
N GLY E 174 -23.27 -14.80 28.16
CA GLY E 174 -22.35 -15.04 27.11
C GLY E 174 -21.01 -14.35 27.35
N VAL E 175 -20.77 -13.36 26.52
CA VAL E 175 -19.55 -12.59 26.46
C VAL E 175 -19.53 -11.33 27.39
N ILE E 176 -20.67 -10.83 27.74
CA ILE E 176 -20.72 -9.71 28.67
C ILE E 176 -21.20 -10.34 29.92
N VAL E 177 -20.57 -10.03 31.00
CA VAL E 177 -20.91 -10.68 32.22
C VAL E 177 -21.42 -9.76 33.27
N LYS E 178 -21.88 -10.34 34.37
CA LYS E 178 -22.21 -9.52 35.49
C LYS E 178 -21.07 -9.61 36.48
N MET E 179 -20.18 -8.64 36.40
CA MET E 179 -19.04 -8.60 37.31
C MET E 179 -19.54 -8.64 38.76
N PRO E 180 -18.98 -9.75 39.42
CA PRO E 180 -19.14 -10.56 40.62
C PRO E 180 -20.09 -10.04 41.63
N LYS E 181 -19.45 -9.40 42.63
CA LYS E 181 -20.04 -8.81 43.80
C LYS E 181 -19.23 -7.56 44.12
N THR F 1 -3.39 6.85 34.93
CA THR F 1 -3.50 5.57 34.24
C THR F 1 -2.14 4.93 34.08
N LEU F 2 -1.67 4.22 35.06
CA LEU F 2 -0.38 3.65 34.86
C LEU F 2 0.82 4.14 35.59
N SER F 3 1.18 3.16 36.32
CA SER F 3 2.34 2.96 36.98
C SER F 3 3.20 2.25 35.95
N SER F 4 2.55 1.72 34.89
CA SER F 4 3.25 0.98 33.88
C SER F 4 2.88 1.30 32.46
N GLN F 5 3.18 2.54 32.08
CA GLN F 5 3.01 2.99 30.71
C GLN F 5 4.42 3.01 30.01
N ASP F 6 4.45 3.05 28.68
CA ASP F 6 5.69 3.03 27.88
C ASP F 6 5.40 2.39 26.59
N LYS F 7 4.13 2.09 26.49
CA LYS F 7 3.46 1.50 25.34
C LYS F 7 2.51 2.58 24.91
N PRO F 8 1.33 2.12 24.69
CA PRO F 8 0.29 3.00 24.63
C PRO F 8 0.18 3.55 26.08
N PHE F 9 -0.16 4.80 26.21
CA PHE F 9 -0.53 5.42 27.48
C PHE F 9 -1.77 6.13 27.19
N ASN F 10 -2.46 6.57 28.18
CA ASN F 10 -3.67 7.17 27.77
C ASN F 10 -3.63 8.59 27.28
N LEU F 11 -4.35 8.81 26.17
CA LEU F 11 -4.49 10.13 25.54
C LEU F 11 -5.89 10.64 25.79
N ARG F 12 -6.03 11.91 26.25
CA ARG F 12 -7.37 12.45 26.45
C ARG F 12 -7.59 13.61 25.53
N SER F 13 -8.26 14.64 26.01
CA SER F 13 -8.39 15.80 25.18
C SER F 13 -8.11 17.16 25.82
N ARG F 14 -6.75 17.52 25.81
CA ARG F 14 -6.04 18.74 26.31
C ARG F 14 -6.37 20.25 25.73
N ASP F 15 -5.49 21.00 24.94
CA ASP F 15 -5.90 22.40 24.55
C ASP F 15 -6.56 22.52 23.15
N PRO F 16 -7.52 23.51 22.94
CA PRO F 16 -8.25 23.63 21.65
C PRO F 16 -7.55 24.42 20.51
N ILE F 17 -7.80 24.04 19.26
CA ILE F 17 -7.15 24.71 18.17
C ILE F 17 -7.97 25.86 17.73
N TYR F 18 -9.24 25.70 17.86
CA TYR F 18 -10.23 26.66 17.49
C TYR F 18 -11.12 26.84 18.69
N SER F 19 -11.06 27.97 19.33
CA SER F 19 -11.91 28.11 20.46
C SER F 19 -12.55 29.44 20.47
N ASN F 20 -13.78 29.49 20.99
CA ASN F 20 -14.48 30.74 21.19
C ASN F 20 -15.86 30.60 21.82
N ASN F 21 -16.78 31.58 21.59
CA ASN F 21 -18.11 31.42 22.14
C ASN F 21 -19.11 30.58 21.34
N TYR F 22 -18.81 30.29 20.06
CA TYR F 22 -19.74 29.47 19.29
C TYR F 22 -19.46 27.99 19.47
N GLY F 23 -18.18 27.62 19.46
CA GLY F 23 -17.78 26.22 19.61
C GLY F 23 -16.30 25.98 19.85
N LYS F 24 -15.97 24.72 19.85
CA LYS F 24 -14.59 24.30 20.05
C LYS F 24 -14.29 23.15 19.12
N LEU F 25 -13.01 22.96 18.85
CA LEU F 25 -12.53 21.90 18.02
C LEU F 25 -11.23 21.41 18.60
N TYR F 26 -11.16 20.12 18.92
CA TYR F 26 -9.96 19.57 19.55
C TYR F 26 -9.29 18.55 18.72
N GLU F 27 -8.28 18.94 18.03
CA GLU F 27 -7.63 17.97 17.23
C GLU F 27 -6.31 17.53 17.83
N ILE F 28 -6.04 16.20 17.68
CA ILE F 28 -4.79 15.58 18.08
C ILE F 28 -4.24 14.98 16.82
N THR F 29 -3.00 15.28 16.51
CA THR F 29 -2.49 14.77 15.27
C THR F 29 -1.42 13.73 15.43
N PRO F 30 -0.84 13.28 14.32
CA PRO F 30 0.16 12.23 14.36
C PRO F 30 1.51 12.84 14.49
N GLU F 31 1.53 14.07 14.29
CA GLU F 31 2.76 14.72 14.40
C GLU F 31 3.04 14.88 15.85
N LYS F 32 1.96 14.81 16.64
CA LYS F 32 2.09 14.92 18.05
C LYS F 32 1.43 13.81 18.84
N ASN F 33 1.60 12.60 18.35
CA ASN F 33 1.15 11.39 18.97
C ASN F 33 1.78 10.17 18.37
N SER F 34 2.78 9.68 19.08
CA SER F 34 3.45 8.52 18.67
C SER F 34 2.48 7.40 18.37
N GLN F 35 1.49 7.21 19.24
CA GLN F 35 0.46 6.20 19.03
C GLN F 35 -0.32 6.40 17.70
N LEU F 36 -0.79 7.66 17.49
CA LEU F 36 -1.51 8.08 16.31
C LEU F 36 -0.57 8.24 15.15
N ARG F 37 0.69 8.42 15.45
CA ARG F 37 1.75 8.53 14.45
C ARG F 37 1.93 7.20 13.70
N ASP F 38 2.28 6.14 14.44
CA ASP F 38 2.46 4.78 13.90
C ASP F 38 1.34 4.41 12.87
N LEU F 39 0.09 4.69 13.31
CA LEU F 39 -1.27 4.44 12.76
C LEU F 39 -1.82 5.38 11.71
N ASP F 40 -1.36 6.62 11.65
CA ASP F 40 -1.91 7.63 10.72
C ASP F 40 -3.37 8.10 10.92
N ILE F 41 -3.73 8.40 12.15
CA ILE F 41 -5.03 8.81 12.50
C ILE F 41 -4.99 10.11 13.35
N LEU F 42 -5.98 10.94 13.15
CA LEU F 42 -6.11 12.17 13.87
C LEU F 42 -7.45 12.14 14.52
N LEU F 43 -7.58 12.74 15.71
CA LEU F 43 -8.89 12.78 16.34
C LEU F 43 -9.24 14.18 16.60
N ASN F 44 -10.51 14.37 16.85
CA ASN F 44 -11.05 15.66 17.24
C ASN F 44 -12.25 15.56 18.18
N CYS F 45 -12.65 16.70 18.74
CA CYS F 45 -13.79 16.84 19.60
C CYS F 45 -14.41 18.19 19.31
N LEU F 46 -15.42 18.22 18.45
CA LEU F 46 -16.21 19.39 18.03
C LEU F 46 -17.28 19.71 19.09
N GLN F 47 -17.25 20.94 19.63
CA GLN F 47 -18.22 21.44 20.66
C GLN F 47 -19.13 22.53 20.08
N MET F 48 -20.39 22.51 20.41
CA MET F 48 -21.21 23.57 19.85
C MET F 48 -22.55 23.76 20.57
N ASN F 49 -23.10 24.96 20.39
CA ASN F 49 -24.39 25.28 20.94
C ASN F 49 -25.30 25.50 19.79
N GLU F 50 -26.54 25.30 20.10
CA GLU F 50 -27.57 25.41 19.14
C GLU F 50 -27.57 26.82 18.50
N GLY F 51 -27.67 26.85 17.18
CA GLY F 51 -27.66 28.09 16.44
C GLY F 51 -26.24 28.47 16.00
N ALA F 52 -25.25 27.69 16.44
CA ALA F 52 -23.88 27.95 16.06
C ALA F 52 -23.58 27.25 14.77
N LEU F 53 -22.75 27.87 13.90
CA LEU F 53 -22.43 27.34 12.57
C LEU F 53 -20.95 27.19 12.38
N PHE F 54 -20.55 26.04 11.80
CA PHE F 54 -19.15 25.66 11.57
C PHE F 54 -18.82 25.88 10.12
N VAL F 55 -18.33 27.10 9.84
CA VAL F 55 -18.06 27.58 8.53
C VAL F 55 -17.44 26.65 7.51
N PRO F 56 -17.76 26.98 6.26
CA PRO F 56 -17.28 26.22 5.13
C PRO F 56 -15.78 26.05 5.12
N HIS F 57 -15.33 24.79 4.82
CA HIS F 57 -13.93 24.41 4.79
C HIS F 57 -13.72 22.98 4.17
N TYR F 58 -12.50 22.51 4.14
CA TYR F 58 -12.22 21.21 3.56
C TYR F 58 -10.85 20.74 4.02
N ASN F 59 -10.65 19.44 4.17
CA ASN F 59 -9.36 19.00 4.63
C ASN F 59 -8.51 18.72 3.43
N SER F 60 -7.22 18.90 3.56
CA SER F 60 -6.41 18.72 2.41
C SER F 60 -6.23 17.28 2.03
N ARG F 61 -5.85 16.50 3.00
CA ARG F 61 -5.61 15.12 2.72
C ARG F 61 -6.36 14.14 3.58
N ALA F 62 -6.92 14.59 4.71
CA ALA F 62 -7.65 13.72 5.62
C ALA F 62 -9.10 13.44 5.27
N THR F 63 -9.48 12.17 5.33
CA THR F 63 -10.85 11.78 5.15
C THR F 63 -11.41 11.57 6.54
N VAL F 64 -12.27 12.48 6.93
CA VAL F 64 -12.82 12.46 8.23
C VAL F 64 -14.14 11.71 8.36
N ILE F 65 -14.14 10.86 9.40
CA ILE F 65 -15.27 10.09 9.83
C ILE F 65 -15.95 10.82 11.03
N LEU F 66 -17.13 11.42 10.81
CA LEU F 66 -17.84 12.18 11.84
C LEU F 66 -18.85 11.37 12.62
N VAL F 67 -18.60 11.21 13.92
CA VAL F 67 -19.47 10.44 14.79
C VAL F 67 -20.24 11.31 15.68
N ALA F 68 -21.52 11.08 15.72
CA ALA F 68 -22.37 11.90 16.53
C ALA F 68 -22.61 11.29 17.85
N ASN F 69 -22.08 11.95 18.83
CA ASN F 69 -22.18 11.58 20.18
C ASN F 69 -23.47 12.19 20.83
N GLU F 70 -23.39 13.39 21.34
CA GLU F 70 -24.57 13.98 21.96
C GLU F 70 -25.14 15.19 21.17
N GLY F 71 -26.28 15.02 20.50
CA GLY F 71 -26.79 16.17 19.74
C GLY F 71 -27.31 15.91 18.30
N ARG F 72 -27.83 17.01 17.67
CA ARG F 72 -28.38 16.99 16.30
C ARG F 72 -27.67 17.94 15.39
N ALA F 73 -27.24 17.46 14.27
CA ALA F 73 -26.47 18.27 13.39
C ALA F 73 -26.97 18.27 11.95
N GLU F 74 -27.03 19.47 11.40
CA GLU F 74 -27.40 19.63 10.04
C GLU F 74 -26.11 19.56 9.41
N VAL F 75 -25.93 18.70 8.38
CA VAL F 75 -24.67 18.68 7.67
C VAL F 75 -24.87 19.24 6.26
N GLU F 76 -23.79 19.28 5.52
CA GLU F 76 -23.73 19.70 4.14
C GLU F 76 -22.32 19.48 3.62
N LEU F 77 -22.08 18.45 2.79
CA LEU F 77 -20.81 18.38 2.14
C LEU F 77 -21.19 18.94 0.82
N VAL F 78 -20.27 19.01 -0.08
CA VAL F 78 -20.62 19.42 -1.40
C VAL F 78 -19.69 18.68 -2.29
N GLY F 79 -20.13 18.23 -3.44
CA GLY F 79 -19.15 17.48 -4.18
C GLY F 79 -19.06 17.69 -5.67
N LEU F 80 -18.17 16.86 -6.21
CA LEU F 80 -17.77 16.66 -7.59
C LEU F 80 -17.15 15.26 -7.46
N GLU F 81 -17.89 14.17 -7.78
CA GLU F 81 -17.33 12.82 -7.48
C GLU F 81 -16.50 11.95 -8.54
N GLN F 82 -17.21 11.35 -9.60
CA GLN F 82 -16.70 10.44 -10.71
C GLN F 82 -15.62 10.81 -11.75
N GLN F 83 -15.19 9.77 -12.55
CA GLN F 83 -14.13 9.89 -13.58
C GLN F 83 -14.42 9.32 -15.01
N GLN F 84 -15.53 8.59 -15.08
CA GLN F 84 -16.04 8.04 -16.33
C GLN F 84 -17.03 9.04 -16.79
N GLN F 85 -16.45 10.21 -16.75
CA GLN F 85 -16.92 11.41 -17.26
C GLN F 85 -16.05 11.51 -18.41
N GLN F 86 -14.83 11.95 -18.01
CA GLN F 86 -13.77 12.09 -18.92
C GLN F 86 -13.91 13.43 -19.66
N GLY F 87 -14.44 13.41 -20.86
CA GLY F 87 -14.72 14.62 -21.61
C GLY F 87 -15.66 15.61 -20.89
N LEU F 88 -15.24 16.06 -19.66
CA LEU F 88 -15.93 17.06 -18.85
C LEU F 88 -17.24 16.63 -18.21
N GLU F 89 -18.19 16.50 -19.12
CA GLU F 89 -19.58 16.24 -18.87
C GLU F 89 -20.06 15.77 -17.54
N SER F 90 -20.52 14.51 -17.53
CA SER F 90 -21.04 13.80 -16.35
C SER F 90 -20.71 14.54 -15.05
N MET F 91 -19.38 14.81 -14.86
CA MET F 91 -18.84 15.53 -13.69
C MET F 91 -19.67 16.71 -13.13
N GLN F 92 -20.67 16.32 -12.33
CA GLN F 92 -21.59 17.24 -11.76
C GLN F 92 -21.30 17.57 -10.29
N LEU F 93 -21.94 18.66 -9.88
CA LEU F 93 -21.83 19.22 -8.59
C LEU F 93 -22.94 18.67 -7.68
N ARG F 94 -22.60 18.19 -6.45
CA ARG F 94 -23.61 17.68 -5.48
C ARG F 94 -23.58 18.38 -4.14
N ARG F 95 -24.75 18.44 -3.59
CA ARG F 95 -24.96 18.91 -2.29
C ARG F 95 -25.58 17.75 -1.58
N TYR F 96 -24.84 17.22 -0.66
CA TYR F 96 -25.32 16.13 0.12
C TYR F 96 -25.50 16.71 1.51
N ALA F 97 -26.71 16.72 2.03
CA ALA F 97 -26.84 17.31 3.37
C ALA F 97 -27.77 16.53 4.29
N ALA F 98 -27.50 16.61 5.62
CA ALA F 98 -28.32 15.80 6.51
C ALA F 98 -28.48 16.28 7.91
N THR F 99 -29.14 15.43 8.64
CA THR F 99 -29.40 15.64 10.02
C THR F 99 -28.77 14.50 10.77
N LEU F 100 -27.84 14.82 11.63
CA LEU F 100 -27.29 13.72 12.31
C LEU F 100 -27.96 13.65 13.63
N SER F 101 -28.27 12.40 14.00
CA SER F 101 -28.86 12.11 15.26
C SER F 101 -27.81 11.33 16.02
N GLU F 102 -28.08 11.00 17.26
CA GLU F 102 -27.12 10.29 18.10
C GLU F 102 -26.73 8.90 17.54
N GLY F 103 -25.48 8.80 17.09
CA GLY F 103 -25.02 7.55 16.54
C GLY F 103 -25.08 7.55 15.02
N ASP F 104 -25.48 8.67 14.44
CA ASP F 104 -25.47 8.86 13.03
C ASP F 104 -24.01 9.24 12.64
N ILE F 105 -23.43 8.54 11.66
CA ILE F 105 -22.08 8.79 11.14
C ILE F 105 -22.14 9.53 9.80
N ILE F 106 -21.16 10.34 9.52
CA ILE F 106 -21.11 10.97 8.19
C ILE F 106 -19.66 11.03 7.71
N VAL F 107 -19.38 10.70 6.42
CA VAL F 107 -17.97 10.73 5.98
C VAL F 107 -17.59 11.99 5.22
N ILE F 108 -16.49 12.62 5.62
CA ILE F 108 -16.11 13.86 4.96
C ILE F 108 -14.81 13.75 4.22
N PRO F 109 -14.90 13.28 2.97
CA PRO F 109 -13.75 13.06 2.14
C PRO F 109 -12.88 14.26 1.93
N SER F 110 -11.59 13.97 1.73
CA SER F 110 -10.45 14.87 1.47
C SER F 110 -10.73 16.23 0.82
N SER F 111 -10.98 16.37 -0.45
CA SER F 111 -11.08 17.76 -0.81
C SER F 111 -12.45 18.45 -0.86
N PHE F 112 -13.41 17.92 -0.10
CA PHE F 112 -14.74 18.45 -0.12
C PHE F 112 -15.01 19.51 0.96
N PRO F 113 -15.83 20.46 0.60
CA PRO F 113 -16.07 21.41 1.59
C PRO F 113 -17.19 20.91 2.42
N VAL F 114 -17.43 21.55 3.50
CA VAL F 114 -18.49 21.15 4.32
C VAL F 114 -18.78 22.26 5.31
N ALA F 115 -19.92 22.18 6.01
CA ALA F 115 -20.35 23.16 6.97
C ALA F 115 -21.35 22.46 7.80
N LEU F 116 -21.21 22.64 9.07
CA LEU F 116 -22.04 21.94 10.00
C LEU F 116 -22.94 22.85 10.77
N LYS F 117 -24.26 22.62 10.71
CA LYS F 117 -25.25 23.39 11.50
C LYS F 117 -25.67 22.64 12.77
N ALA F 118 -25.62 23.34 13.93
CA ALA F 118 -25.87 22.77 15.27
C ALA F 118 -27.26 23.00 15.85
N ALA F 119 -28.23 22.33 15.31
CA ALA F 119 -29.62 22.44 15.71
C ALA F 119 -29.83 22.36 17.19
N SER F 120 -28.86 21.92 17.87
CA SER F 120 -29.01 21.82 19.30
C SER F 120 -27.65 22.01 19.87
N ASP F 121 -27.52 21.89 21.18
CA ASP F 121 -26.20 21.97 21.73
C ASP F 121 -25.61 20.64 21.33
N LEU F 122 -24.38 20.61 20.69
CA LEU F 122 -23.85 19.38 20.06
C LEU F 122 -22.36 18.93 20.27
N ASN F 123 -22.22 17.58 20.41
CA ASN F 123 -20.93 16.90 20.62
C ASN F 123 -20.62 15.91 19.48
N MET F 124 -19.47 16.04 18.79
CA MET F 124 -19.11 15.06 17.74
C MET F 124 -17.68 14.59 17.85
N VAL F 125 -17.43 13.37 17.47
CA VAL F 125 -16.09 12.85 17.48
C VAL F 125 -15.66 12.46 16.07
N GLY F 126 -14.55 13.00 15.57
CA GLY F 126 -14.20 12.62 14.21
C GLY F 126 -12.92 11.88 14.16
N ILE F 127 -12.76 11.05 13.16
CA ILE F 127 -11.52 10.26 12.96
C ILE F 127 -10.98 10.42 11.55
N GLY F 128 -9.97 11.19 11.43
CA GLY F 128 -9.48 11.41 10.14
C GLY F 128 -8.38 10.47 9.77
N VAL F 129 -8.49 9.91 8.58
CA VAL F 129 -7.47 9.05 8.10
C VAL F 129 -6.53 9.80 7.17
N ASN F 130 -5.28 9.38 7.13
CA ASN F 130 -4.37 10.03 6.20
C ASN F 130 -4.19 11.45 6.64
N ALA F 131 -4.06 11.55 7.93
CA ALA F 131 -3.94 12.76 8.66
C ALA F 131 -2.59 13.43 8.58
N GLU F 132 -1.63 12.75 8.01
CA GLU F 132 -0.39 13.42 8.03
C GLU F 132 -0.42 14.70 7.20
N ASN F 133 0.05 15.76 7.75
CA ASN F 133 0.14 17.03 7.08
C ASN F 133 -1.13 17.67 6.77
N ASN F 134 -2.19 17.14 7.40
CA ASN F 134 -3.52 17.71 7.18
C ASN F 134 -3.53 19.22 7.38
N GLU F 135 -4.27 19.87 6.53
CA GLU F 135 -4.40 21.29 6.61
C GLU F 135 -5.85 21.57 6.51
N ARG F 136 -6.31 22.51 7.22
CA ARG F 136 -7.68 22.75 7.03
C ARG F 136 -7.95 24.19 6.53
N ASN F 137 -8.52 24.29 5.34
CA ASN F 137 -8.78 25.52 4.65
C ASN F 137 -10.19 26.01 4.85
N PHE F 138 -10.29 27.36 5.08
CA PHE F 138 -11.53 28.11 5.29
C PHE F 138 -11.83 29.00 4.16
N LEU F 139 -13.13 29.07 3.79
CA LEU F 139 -13.61 29.91 2.68
C LEU F 139 -14.66 30.88 3.15
N ALA F 140 -14.58 31.18 4.40
CA ALA F 140 -15.49 32.06 5.01
C ALA F 140 -15.01 32.34 6.46
N GLY F 141 -15.55 33.43 7.09
CA GLY F 141 -15.08 33.91 8.40
C GLY F 141 -13.80 34.76 8.17
N HIS F 142 -13.35 35.46 9.17
CA HIS F 142 -12.19 36.28 8.98
C HIS F 142 -11.00 35.49 8.60
N LYS F 143 -10.50 34.75 9.65
CA LYS F 143 -9.29 33.86 9.71
C LYS F 143 -9.40 32.48 8.98
N GLU F 144 -8.20 31.96 8.57
CA GLU F 144 -8.01 30.69 7.83
C GLU F 144 -8.71 30.68 6.47
N ASN F 145 -9.47 31.75 6.20
CA ASN F 145 -10.18 31.87 4.94
C ASN F 145 -9.23 32.17 3.74
N VAL F 146 -9.06 31.14 2.92
CA VAL F 146 -8.23 31.11 1.72
C VAL F 146 -8.79 32.04 0.55
N ILE F 147 -10.13 32.12 0.41
CA ILE F 147 -10.71 32.96 -0.64
C ILE F 147 -10.40 34.39 -0.41
N ARG F 148 -9.66 34.66 0.65
CA ARG F 148 -9.37 36.02 1.07
C ARG F 148 -7.89 36.38 0.94
N GLN F 149 -7.07 35.36 0.69
CA GLN F 149 -5.62 35.50 0.52
C GLN F 149 -5.39 35.93 -0.88
N ILE F 150 -6.30 35.42 -1.77
CA ILE F 150 -6.27 35.73 -3.19
C ILE F 150 -6.28 37.22 -3.36
N PRO F 151 -5.47 37.70 -4.25
CA PRO F 151 -5.34 39.10 -4.48
C PRO F 151 -6.30 39.62 -5.52
N ARG F 152 -6.63 40.93 -5.40
CA ARG F 152 -7.58 41.66 -6.26
C ARG F 152 -7.56 41.58 -7.75
N GLN F 153 -6.37 41.51 -8.28
CA GLN F 153 -6.12 41.35 -9.68
C GLN F 153 -6.87 40.13 -10.13
N VAL F 154 -6.47 39.04 -9.54
CA VAL F 154 -7.08 37.81 -9.89
C VAL F 154 -8.55 37.77 -9.45
N SER F 155 -8.79 38.10 -8.18
CA SER F 155 -10.12 38.13 -7.56
C SER F 155 -11.19 38.66 -8.47
N ASP F 156 -11.01 39.85 -8.90
CA ASP F 156 -12.01 40.37 -9.75
C ASP F 156 -12.10 39.66 -11.13
N LEU F 157 -11.18 38.73 -11.39
CA LEU F 157 -11.21 38.00 -12.63
C LEU F 157 -11.83 36.62 -12.44
N THR F 158 -11.71 36.15 -11.19
CA THR F 158 -12.23 34.88 -10.74
C THR F 158 -13.71 34.99 -10.53
N PHE F 159 -14.07 36.03 -9.76
CA PHE F 159 -15.42 36.39 -9.37
C PHE F 159 -16.10 37.48 -10.23
N PRO F 160 -17.43 37.37 -10.33
CA PRO F 160 -18.19 38.32 -11.07
C PRO F 160 -18.17 39.68 -10.40
N GLY F 161 -17.32 39.85 -9.42
CA GLY F 161 -17.31 41.12 -8.74
C GLY F 161 -16.05 41.90 -8.95
N SER F 162 -15.90 42.86 -8.10
CA SER F 162 -14.75 43.72 -8.14
C SER F 162 -13.96 43.63 -6.83
N GLY F 163 -12.65 43.48 -7.04
CA GLY F 163 -11.68 43.35 -6.02
C GLY F 163 -12.13 43.85 -4.67
N GLU F 164 -12.76 45.01 -4.60
CA GLU F 164 -13.15 45.49 -3.28
C GLU F 164 -14.53 45.08 -2.97
N GLU F 165 -15.35 45.16 -3.99
CA GLU F 165 -16.74 44.78 -3.80
C GLU F 165 -16.72 43.41 -3.12
N VAL F 166 -15.91 42.51 -3.70
CA VAL F 166 -15.64 41.16 -3.20
C VAL F 166 -14.97 41.32 -1.86
N GLU F 167 -13.98 42.18 -1.87
CA GLU F 167 -13.22 42.52 -0.71
C GLU F 167 -14.13 42.82 0.53
N GLU F 168 -15.28 43.44 0.28
CA GLU F 168 -16.21 43.77 1.33
C GLU F 168 -16.87 42.50 1.84
N LEU F 169 -17.39 41.73 0.85
CA LEU F 169 -18.02 40.44 1.11
C LEU F 169 -17.10 39.65 2.07
N LEU F 170 -15.81 39.65 1.73
CA LEU F 170 -14.82 39.04 2.55
C LEU F 170 -14.64 39.74 3.94
N GLU F 171 -14.60 41.03 4.02
CA GLU F 171 -14.47 41.57 5.36
C GLU F 171 -15.78 41.45 6.18
N ASN F 172 -16.93 41.36 5.47
CA ASN F 172 -18.25 41.29 6.13
C ASN F 172 -18.31 40.52 7.45
N GLN F 173 -17.61 39.39 7.44
CA GLN F 173 -17.52 38.47 8.54
C GLN F 173 -16.59 38.87 9.74
N LYS F 174 -17.24 39.37 10.79
CA LYS F 174 -16.55 39.77 12.02
C LYS F 174 -15.76 38.66 12.72
N GLU F 175 -16.22 37.41 12.57
CA GLU F 175 -15.71 36.26 13.34
C GLU F 175 -14.71 35.31 12.66
N SER F 176 -14.64 34.06 13.16
CA SER F 176 -13.71 33.15 12.57
C SER F 176 -14.14 31.78 12.05
N TYR F 177 -14.38 30.83 12.93
CA TYR F 177 -14.73 29.52 12.42
C TYR F 177 -16.13 29.27 12.68
N PHE F 178 -16.42 29.51 13.94
CA PHE F 178 -17.68 29.34 14.55
C PHE F 178 -18.53 30.57 14.52
N VAL F 179 -19.79 30.37 14.19
CA VAL F 179 -20.75 31.45 14.14
C VAL F 179 -22.20 31.06 14.62
N ASP F 180 -23.11 32.02 14.47
CA ASP F 180 -24.48 31.96 14.65
C ASP F 180 -25.15 31.88 13.32
N GLY F 181 -25.81 30.82 13.07
CA GLY F 181 -26.55 30.75 11.86
C GLY F 181 -28.00 31.09 12.20
N GLN F 182 -28.26 32.30 12.73
CA GLN F 182 -29.66 32.59 13.02
C GLN F 182 -30.61 32.34 11.84
N PRO F 183 -31.68 31.54 12.02
CA PRO F 183 -32.59 31.13 10.97
C PRO F 183 -32.53 31.93 9.72
N ARG F 184 -33.66 32.58 9.46
CA ARG F 184 -33.95 33.38 8.28
C ARG F 184 -35.14 32.68 7.62
#